data_4GGQ
#
_entry.id   4GGQ
#
_cell.length_a   34.440
_cell.length_b   76.150
_cell.length_c   76.350
_cell.angle_alpha   95.070
_cell.angle_beta   90.130
_cell.angle_gamma   92.650
#
_symmetry.space_group_name_H-M   'P 1'
#
loop_
_entity.id
_entity.type
_entity.pdbx_description
1 polymer 'Ubiquitin-like protein SMT3, Peptidyl-prolyl cis-trans isomerase'
2 non-polymer 'CALCIUM ION'
3 non-polymer '3-(3,4,5-trimethoxyphenyl)propyl (2S)-1-(benzylsulfonyl)piperidine-2-carboxylate'
4 non-polymer DI(HYDROXYETHYL)ETHER
5 water water
#
_entity_poly.entity_id   1
_entity_poly.type   'polypeptide(L)'
_entity_poly.pdbx_seq_one_letter_code
;MGHHHHHHSGEVKPEVKPETHINLKVSDGSSEIFFKIKKTTPLRRLMEAFAKRQGKEMDSLRFLYDGIRIQADQTPEDLD
MEDNDIIEAHREQIGGSTVVTTESGLKYEDLTEGSGAEARAGQTVSVHYTGWLTDGQKFDSSKDRNDPFAFVLGGGMVIK
GWDEGVQGMKVGGVRRLTIPPQLGYGARGAGGVIPPNATLVFEVELLDV
;
_entity_poly.pdbx_strand_id   C,A,B,D
#
loop_
_chem_comp.id
_chem_comp.type
_chem_comp.name
_chem_comp.formula
861 non-polymer '3-(3,4,5-trimethoxyphenyl)propyl (2S)-1-(benzylsulfonyl)piperidine-2-carboxylate' 'C25 H33 N O7 S'
CA non-polymer 'CALCIUM ION' 'Ca 2'
PEG non-polymer DI(HYDROXYETHYL)ETHER 'C4 H10 O3'
#
# COMPACT_ATOMS: atom_id res chain seq x y z
N GLU A 19 -38.46 22.99 -9.56
CA GLU A 19 -37.07 22.40 -9.51
C GLU A 19 -36.02 23.38 -8.95
N THR A 20 -35.57 23.10 -7.73
CA THR A 20 -34.61 23.93 -7.04
C THR A 20 -33.15 23.58 -7.33
N HIS A 21 -32.90 22.32 -7.69
CA HIS A 21 -31.54 21.86 -7.96
C HIS A 21 -31.37 21.39 -9.38
N ILE A 22 -30.14 21.37 -9.86
CA ILE A 22 -29.85 20.73 -11.15
C ILE A 22 -28.56 19.92 -11.13
N ASN A 23 -28.44 19.05 -12.14
CA ASN A 23 -27.30 18.22 -12.36
C ASN A 23 -26.47 18.73 -13.54
N LEU A 24 -25.19 18.87 -13.29
CA LEU A 24 -24.24 19.37 -14.26
C LEU A 24 -23.07 18.41 -14.40
N LYS A 25 -22.66 18.15 -15.64
CA LYS A 25 -21.48 17.32 -15.90
C LYS A 25 -20.28 18.21 -16.19
N VAL A 26 -19.19 17.98 -15.49
CA VAL A 26 -17.92 18.64 -15.86
C VAL A 26 -17.03 17.60 -16.51
N SER A 27 -16.54 17.90 -17.71
CA SER A 27 -15.59 17.08 -18.37
C SER A 27 -14.31 17.83 -18.63
N ASP A 28 -13.17 17.20 -18.35
CA ASP A 28 -11.86 17.74 -18.79
C ASP A 28 -11.31 17.02 -20.02
N GLY A 29 -12.18 16.38 -20.78
CA GLY A 29 -11.76 15.53 -21.89
C GLY A 29 -11.30 14.12 -21.51
N SER A 30 -11.13 13.84 -20.21
CA SER A 30 -10.75 12.53 -19.74
C SER A 30 -11.70 12.09 -18.62
N SER A 31 -11.68 12.81 -17.51
CA SER A 31 -12.56 12.58 -16.38
C SER A 31 -13.92 13.24 -16.65
N GLU A 32 -14.98 12.58 -16.20
CA GLU A 32 -16.33 13.12 -16.24
C GLU A 32 -16.96 12.96 -14.88
N ILE A 33 -17.30 14.07 -14.27
CA ILE A 33 -17.81 14.10 -12.93
C ILE A 33 -19.12 14.86 -12.93
N PHE A 34 -20.13 14.35 -12.21
CA PHE A 34 -21.44 15.02 -12.11
C PHE A 34 -21.58 15.75 -10.78
N PHE A 35 -22.29 16.86 -10.83
CA PHE A 35 -22.53 17.69 -9.69
C PHE A 35 -24.01 18.00 -9.56
N LYS A 36 -24.55 17.80 -8.37
CA LYS A 36 -25.89 18.27 -8.07
C LYS A 36 -25.74 19.50 -7.18
N ILE A 37 -26.33 20.61 -7.64
CA ILE A 37 -26.17 21.91 -7.06
C ILE A 37 -27.48 22.69 -7.10
N LYS A 38 -27.70 23.54 -6.11
CA LYS A 38 -28.88 24.40 -6.08
C LYS A 38 -28.72 25.43 -7.20
N LYS A 39 -29.80 25.75 -7.87
CA LYS A 39 -29.74 26.74 -8.97
C LYS A 39 -29.24 28.15 -8.54
N THR A 40 -29.35 28.47 -7.25
CA THR A 40 -28.95 29.76 -6.73
C THR A 40 -27.57 29.73 -6.01
N THR A 41 -26.86 28.61 -6.06
CA THR A 41 -25.55 28.49 -5.45
C THR A 41 -24.47 28.96 -6.48
N PRO A 42 -23.45 29.71 -6.03
CA PRO A 42 -22.40 30.10 -6.97
C PRO A 42 -21.67 28.89 -7.51
N LEU A 43 -21.27 28.95 -8.78
CA LEU A 43 -20.55 27.87 -9.42
C LEU A 43 -19.17 27.61 -8.83
N ARG A 44 -18.66 28.58 -8.05
CA ARG A 44 -17.44 28.42 -7.27
CA ARG A 44 -17.44 28.42 -7.27
C ARG A 44 -17.39 27.06 -6.60
N ARG A 45 -18.51 26.64 -6.01
CA ARG A 45 -18.58 25.41 -5.23
C ARG A 45 -18.30 24.19 -6.11
N LEU A 46 -18.90 24.17 -7.28
CA LEU A 46 -18.66 23.12 -8.26
C LEU A 46 -17.23 23.16 -8.78
N MET A 47 -16.74 24.36 -9.05
CA MET A 47 -15.39 24.53 -9.63
C MET A 47 -14.31 24.06 -8.65
N GLU A 48 -14.45 24.49 -7.40
CA GLU A 48 -13.55 24.06 -6.32
C GLU A 48 -13.63 22.56 -6.03
N ALA A 49 -14.83 22.00 -6.06
CA ALA A 49 -15.04 20.52 -5.87
C ALA A 49 -14.36 19.73 -7.02
N PHE A 50 -14.50 20.22 -8.25
CA PHE A 50 -13.83 19.58 -9.39
C PHE A 50 -12.30 19.68 -9.27
N ALA A 51 -11.79 20.86 -9.00
CA ALA A 51 -10.35 21.04 -8.89
C ALA A 51 -9.77 20.18 -7.75
N LYS A 52 -10.42 20.18 -6.58
CA LYS A 52 -10.02 19.38 -5.39
C LYS A 52 -9.69 17.93 -5.78
N ARG A 53 -10.53 17.38 -6.64
CA ARG A 53 -10.39 15.98 -7.07
C ARG A 53 -9.20 15.71 -7.93
N GLN A 54 -8.92 16.64 -8.82
CA GLN A 54 -7.82 16.52 -9.76
C GLN A 54 -6.53 17.05 -9.09
N GLY A 55 -6.62 17.26 -7.78
CA GLY A 55 -5.49 17.76 -6.99
C GLY A 55 -4.96 19.13 -7.35
N LYS A 56 -5.81 20.00 -7.91
CA LYS A 56 -5.36 21.33 -8.37
C LYS A 56 -6.11 22.46 -7.70
N GLU A 57 -5.55 23.66 -7.85
CA GLU A 57 -6.20 24.89 -7.40
C GLU A 57 -7.20 25.29 -8.46
N MET A 58 -8.33 25.84 -8.02
CA MET A 58 -9.40 26.25 -8.94
C MET A 58 -8.87 27.21 -10.05
N ASP A 59 -7.95 28.10 -9.67
CA ASP A 59 -7.33 29.10 -10.59
C ASP A 59 -6.39 28.48 -11.65
N SER A 60 -5.99 27.22 -11.48
CA SER A 60 -5.16 26.55 -12.48
C SER A 60 -6.00 26.01 -13.64
N LEU A 61 -7.33 26.12 -13.53
CA LEU A 61 -8.27 25.58 -14.53
C LEU A 61 -9.17 26.67 -15.08
N ARG A 62 -9.64 26.49 -16.31
CA ARG A 62 -10.66 27.35 -16.92
C ARG A 62 -11.92 26.52 -17.18
N PHE A 63 -13.09 26.99 -16.72
CA PHE A 63 -14.34 26.30 -16.93
C PHE A 63 -15.19 27.05 -17.95
N LEU A 64 -15.63 26.37 -19.01
CA LEU A 64 -16.42 26.97 -20.08
C LEU A 64 -17.81 26.35 -20.15
N TYR A 65 -18.81 27.20 -20.33
CA TYR A 65 -20.16 26.80 -20.57
C TYR A 65 -20.60 27.51 -21.84
N ASP A 66 -21.00 26.74 -22.85
CA ASP A 66 -21.41 27.30 -24.15
C ASP A 66 -20.28 28.15 -24.75
N GLY A 67 -19.04 27.70 -24.61
CA GLY A 67 -17.88 28.41 -25.16
C GLY A 67 -17.44 29.65 -24.40
N ILE A 68 -18.11 29.98 -23.31
CA ILE A 68 -17.83 31.21 -22.54
C ILE A 68 -17.30 30.81 -21.16
N ARG A 69 -16.19 31.40 -20.77
CA ARG A 69 -15.62 31.15 -19.48
C ARG A 69 -16.60 31.50 -18.34
N ILE A 70 -16.72 30.56 -17.40
CA ILE A 70 -17.52 30.74 -16.21
C ILE A 70 -16.78 31.51 -15.14
N GLN A 71 -17.45 32.45 -14.51
CA GLN A 71 -16.84 33.19 -13.41
C GLN A 71 -17.40 32.65 -12.12
N ALA A 72 -16.56 32.55 -11.09
CA ALA A 72 -16.91 31.78 -9.90
C ALA A 72 -18.12 32.35 -9.13
N ASP A 73 -18.39 33.65 -9.27
CA ASP A 73 -19.57 34.24 -8.60
C ASP A 73 -20.90 34.01 -9.33
N GLN A 74 -20.83 33.50 -10.55
CA GLN A 74 -22.06 33.23 -11.33
C GLN A 74 -22.76 31.97 -10.85
N THR A 75 -24.09 31.99 -10.88
CA THR A 75 -24.92 30.83 -10.47
C THR A 75 -25.48 30.16 -11.73
N PRO A 76 -26.00 28.92 -11.59
CA PRO A 76 -26.69 28.28 -12.73
C PRO A 76 -27.86 29.09 -13.23
N GLU A 77 -28.61 29.67 -12.30
CA GLU A 77 -29.69 30.58 -12.65
C GLU A 77 -29.16 31.78 -13.50
N ASP A 78 -28.09 32.44 -13.06
CA ASP A 78 -27.48 33.53 -13.85
C ASP A 78 -27.24 33.13 -15.30
N LEU A 79 -26.75 31.92 -15.52
CA LEU A 79 -26.35 31.50 -16.86
C LEU A 79 -27.42 30.71 -17.60
N ASP A 80 -28.62 30.64 -17.02
CA ASP A 80 -29.74 29.90 -17.62
C ASP A 80 -29.43 28.42 -17.93
N MET A 81 -28.71 27.79 -17.00
CA MET A 81 -28.31 26.39 -17.17
C MET A 81 -29.48 25.46 -16.90
N GLU A 82 -29.48 24.34 -17.61
CA GLU A 82 -30.55 23.36 -17.45
C GLU A 82 -29.98 22.05 -16.99
N ASP A 83 -30.87 21.19 -16.51
CA ASP A 83 -30.47 19.89 -16.05
C ASP A 83 -29.68 19.16 -17.14
N ASN A 84 -28.58 18.54 -16.73
CA ASN A 84 -27.64 17.83 -17.61
C ASN A 84 -26.82 18.64 -18.59
N ASP A 85 -26.76 19.95 -18.38
CA ASP A 85 -25.82 20.77 -19.12
C ASP A 85 -24.39 20.41 -18.77
N ILE A 86 -23.50 20.75 -19.70
CA ILE A 86 -22.13 20.30 -19.63
C ILE A 86 -21.21 21.50 -19.48
N ILE A 87 -20.21 21.38 -18.64
CA ILE A 87 -19.18 22.38 -18.43
C ILE A 87 -17.84 21.71 -18.82
N GLU A 88 -17.05 22.40 -19.64
CA GLU A 88 -15.73 21.93 -20.03
C GLU A 88 -14.65 22.56 -19.18
N ALA A 89 -13.76 21.74 -18.64
CA ALA A 89 -12.64 22.18 -17.87
C ALA A 89 -11.33 22.04 -18.70
N HIS A 90 -10.59 23.15 -18.83
CA HIS A 90 -9.31 23.23 -19.60
C HIS A 90 -8.18 23.68 -18.64
N ARG A 91 -6.97 23.20 -18.85
CA ARG A 91 -5.85 23.65 -18.00
C ARG A 91 -5.53 25.11 -18.37
N GLU A 92 -5.42 26.00 -17.37
CA GLU A 92 -5.00 27.39 -17.62
C GLU A 92 -3.57 27.30 -18.20
N GLN A 93 -3.40 27.80 -19.42
CA GLN A 93 -2.07 27.90 -20.00
C GLN A 93 -1.91 29.28 -20.61
N ILE A 94 -1.53 30.23 -19.78
CA ILE A 94 -1.60 31.66 -20.13
C ILE A 94 -1.02 31.93 -21.52
N GLY A 95 0.29 31.73 -21.67
CA GLY A 95 0.89 31.97 -23.00
C GLY A 95 0.11 31.38 -24.18
N GLY A 96 -0.58 30.26 -23.95
CA GLY A 96 -1.14 29.46 -25.04
C GLY A 96 -0.07 28.42 -25.29
N SER A 97 -0.48 27.20 -25.53
CA SER A 97 0.43 26.06 -25.73
C SER A 97 0.42 25.52 -27.16
N THR A 98 1.28 24.54 -27.42
CA THR A 98 1.22 23.87 -28.69
C THR A 98 1.40 22.42 -28.44
N VAL A 99 0.51 21.60 -29.00
CA VAL A 99 0.69 20.16 -28.93
C VAL A 99 1.42 19.75 -30.19
N VAL A 100 2.53 19.07 -29.98
CA VAL A 100 3.38 18.62 -31.06
C VAL A 100 3.09 17.16 -31.36
N THR A 101 2.94 16.84 -32.64
CA THR A 101 2.80 15.43 -33.07
C THR A 101 3.98 15.07 -33.96
N THR A 102 4.76 14.09 -33.52
CA THR A 102 5.94 13.68 -34.24
C THR A 102 5.59 12.57 -35.25
N GLU A 103 6.57 12.19 -36.09
CA GLU A 103 6.38 11.17 -37.09
C GLU A 103 6.07 9.76 -36.56
N SER A 104 6.44 9.48 -35.32
CA SER A 104 6.10 8.21 -34.70
C SER A 104 4.65 8.15 -34.22
N GLY A 105 3.97 9.29 -34.15
CA GLY A 105 2.65 9.38 -33.58
C GLY A 105 2.62 9.87 -32.15
N LEU A 106 3.79 9.98 -31.51
CA LEU A 106 3.85 10.62 -30.22
C LEU A 106 3.29 12.05 -30.25
N LYS A 107 2.55 12.41 -29.20
CA LYS A 107 2.18 13.80 -28.97
C LYS A 107 2.80 14.29 -27.66
N TYR A 108 3.22 15.55 -27.65
CA TYR A 108 3.62 16.16 -26.40
C TYR A 108 3.33 17.64 -26.37
N GLU A 109 3.24 18.18 -25.18
CA GLU A 109 2.95 19.61 -24.99
C GLU A 109 3.78 20.09 -23.79
N ASP A 110 4.60 21.12 -23.99
CA ASP A 110 5.33 21.71 -22.88
C ASP A 110 4.42 22.59 -22.03
N LEU A 111 4.13 22.17 -20.81
CA LEU A 111 3.29 22.95 -19.90
C LEU A 111 4.09 24.09 -19.24
N THR A 112 5.34 23.79 -18.92
CA THR A 112 6.30 24.76 -18.47
C THR A 112 7.59 24.47 -19.16
N GLU A 113 8.22 25.52 -19.65
CA GLU A 113 9.46 25.36 -20.34
C GLU A 113 10.50 25.32 -19.26
N GLY A 114 11.52 24.50 -19.42
CA GLY A 114 12.57 24.52 -18.39
C GLY A 114 13.48 25.76 -18.54
N SER A 115 14.44 25.94 -17.64
CA SER A 115 15.51 26.91 -17.90
C SER A 115 16.87 26.25 -17.91
N GLY A 116 16.97 25.02 -17.42
CA GLY A 116 18.27 24.43 -17.17
C GLY A 116 18.77 23.64 -18.36
N ALA A 117 19.64 22.67 -18.06
CA ALA A 117 20.30 21.89 -19.11
C ALA A 117 19.27 21.02 -19.87
N GLU A 118 19.62 20.72 -21.11
CA GLU A 118 18.76 19.97 -21.99
C GLU A 118 19.01 18.46 -21.88
N ALA A 119 17.93 17.69 -21.77
CA ALA A 119 18.03 16.23 -21.75
C ALA A 119 18.34 15.71 -23.16
N ARG A 120 19.42 14.95 -23.29
CA ARG A 120 19.87 14.40 -24.58
C ARG A 120 19.95 12.85 -24.51
N ALA A 121 19.71 12.17 -25.64
CA ALA A 121 19.85 10.69 -25.71
C ALA A 121 21.22 10.26 -25.22
N GLY A 122 21.27 9.23 -24.37
CA GLY A 122 22.51 8.70 -23.77
C GLY A 122 22.73 9.17 -22.34
N GLN A 123 22.12 10.26 -21.95
CA GLN A 123 22.31 10.80 -20.59
C GLN A 123 21.38 10.09 -19.59
N THR A 124 21.81 9.99 -18.35
CA THR A 124 20.94 9.55 -17.29
C THR A 124 20.19 10.76 -16.75
N VAL A 125 18.86 10.74 -16.80
CA VAL A 125 18.06 11.87 -16.30
C VAL A 125 17.14 11.48 -15.15
N SER A 126 16.71 12.45 -14.35
CA SER A 126 15.84 12.19 -13.21
C SER A 126 14.56 13.05 -13.35
N VAL A 127 13.42 12.42 -13.11
CA VAL A 127 12.14 13.04 -13.28
C VAL A 127 11.20 12.71 -12.17
N HIS A 128 10.18 13.55 -11.99
CA HIS A 128 8.93 13.12 -11.35
C HIS A 128 7.87 12.93 -12.43
N TYR A 129 6.95 12.00 -12.22
CA TYR A 129 5.89 11.77 -13.18
C TYR A 129 4.61 11.32 -12.55
N THR A 130 3.52 11.56 -13.27
CA THR A 130 2.24 10.92 -13.04
C THR A 130 1.76 10.36 -14.36
N GLY A 131 1.16 9.16 -14.29
CA GLY A 131 0.55 8.52 -15.50
C GLY A 131 -0.88 8.20 -15.33
N TRP A 132 -1.66 8.51 -16.36
CA TRP A 132 -3.08 8.26 -16.40
C TRP A 132 -3.52 7.55 -17.67
N LEU A 133 -4.61 6.79 -17.56
CA LEU A 133 -5.30 6.28 -18.74
C LEU A 133 -6.16 7.40 -19.34
N THR A 134 -6.66 7.22 -20.57
CA THR A 134 -7.41 8.28 -21.24
C THR A 134 -8.78 8.59 -20.60
N ASP A 135 -9.26 7.70 -19.72
CA ASP A 135 -10.53 8.01 -19.00
C ASP A 135 -10.26 8.78 -17.72
N GLY A 136 -8.98 9.14 -17.48
CA GLY A 136 -8.61 9.90 -16.31
C GLY A 136 -8.11 9.11 -15.10
N GLN A 137 -8.13 7.78 -15.17
CA GLN A 137 -7.69 6.96 -14.05
C GLN A 137 -6.18 7.03 -13.92
N LYS A 138 -5.71 7.45 -12.74
CA LYS A 138 -4.27 7.46 -12.44
C LYS A 138 -3.80 6.04 -12.22
N PHE A 139 -2.72 5.64 -12.88
CA PHE A 139 -2.19 4.30 -12.67
C PHE A 139 -0.86 4.31 -11.91
N ASP A 140 -0.13 5.42 -11.89
CA ASP A 140 1.12 5.52 -11.11
C ASP A 140 1.60 6.97 -11.01
N SER A 141 2.35 7.24 -9.94
CA SER A 141 3.05 8.47 -9.79
C SER A 141 4.27 8.24 -8.88
N SER A 142 5.42 8.76 -9.31
CA SER A 142 6.65 8.82 -8.51
C SER A 142 6.41 9.62 -7.21
N LYS A 143 5.55 10.63 -7.29
CA LYS A 143 5.24 11.46 -6.14
C LYS A 143 4.51 10.72 -5.05
N ASP A 144 3.78 9.66 -5.39
CA ASP A 144 3.14 8.83 -4.39
C ASP A 144 4.15 8.16 -3.44
N ARG A 145 5.38 7.94 -3.92
CA ARG A 145 6.45 7.35 -3.13
C ARG A 145 7.50 8.40 -2.77
N ASN A 146 7.23 9.69 -3.05
CA ASN A 146 8.21 10.77 -2.88
C ASN A 146 9.57 10.38 -3.41
N ASP A 147 9.60 9.79 -4.62
CA ASP A 147 10.82 9.17 -5.13
C ASP A 147 11.04 9.51 -6.61
N PRO A 148 11.95 10.46 -6.89
CA PRO A 148 12.33 10.72 -8.26
C PRO A 148 12.78 9.48 -8.99
N PHE A 149 12.48 9.41 -10.28
CA PHE A 149 12.81 8.27 -11.13
C PHE A 149 13.92 8.63 -12.10
N ALA A 150 14.98 7.84 -12.09
CA ALA A 150 16.10 8.05 -13.03
C ALA A 150 16.08 6.99 -14.12
N PHE A 151 16.46 7.38 -15.33
CA PHE A 151 16.62 6.39 -16.39
C PHE A 151 17.56 6.90 -17.44
N VAL A 152 18.09 5.98 -18.23
CA VAL A 152 19.00 6.33 -19.28
C VAL A 152 18.18 6.65 -20.51
N LEU A 153 18.19 7.89 -20.92
CA LEU A 153 17.40 8.35 -22.04
C LEU A 153 17.87 7.70 -23.33
N GLY A 154 16.92 7.10 -24.03
CA GLY A 154 17.22 6.41 -25.29
C GLY A 154 17.73 5.01 -25.08
N GLY A 155 17.77 4.54 -23.83
CA GLY A 155 18.39 3.28 -23.47
C GLY A 155 17.54 2.03 -23.54
N GLY A 156 16.29 2.17 -23.94
CA GLY A 156 15.37 1.04 -24.01
C GLY A 156 14.95 0.39 -22.71
N MET A 157 15.10 1.09 -21.58
CA MET A 157 14.64 0.58 -20.30
C MET A 157 13.24 1.11 -19.90
N VAL A 158 12.73 2.10 -20.63
CA VAL A 158 11.35 2.61 -20.44
C VAL A 158 10.62 2.51 -21.76
N ILE A 159 9.32 2.71 -21.76
CA ILE A 159 8.56 2.66 -22.98
C ILE A 159 9.07 3.69 -24.01
N LYS A 160 8.87 3.39 -25.29
CA LYS A 160 9.43 4.18 -26.36
C LYS A 160 8.98 5.64 -26.37
N GLY A 161 7.75 5.88 -25.99
CA GLY A 161 7.22 7.25 -25.90
C GLY A 161 7.96 8.16 -24.94
N TRP A 162 8.50 7.56 -23.89
CA TRP A 162 9.37 8.25 -22.95
C TRP A 162 10.74 8.50 -23.52
N ASP A 163 11.34 7.49 -24.14
CA ASP A 163 12.66 7.65 -24.72
C ASP A 163 12.65 8.76 -25.78
N GLU A 164 11.57 8.85 -26.56
CA GLU A 164 11.45 9.95 -27.51
C GLU A 164 11.04 11.27 -26.80
N GLY A 165 10.07 11.18 -25.92
CA GLY A 165 9.33 12.34 -25.46
C GLY A 165 10.08 13.19 -24.44
N VAL A 166 10.99 12.59 -23.69
CA VAL A 166 11.72 13.32 -22.67
C VAL A 166 12.91 14.06 -23.30
N GLN A 167 13.38 13.57 -24.45
CA GLN A 167 14.43 14.26 -25.19
C GLN A 167 14.04 15.70 -25.51
N GLY A 168 14.96 16.60 -25.21
CA GLY A 168 14.76 18.02 -25.51
C GLY A 168 14.13 18.80 -24.37
N MET A 169 13.66 18.09 -23.34
CA MET A 169 13.20 18.79 -22.14
C MET A 169 14.40 19.51 -21.51
N LYS A 170 14.12 20.63 -20.85
CA LYS A 170 15.15 21.28 -20.01
C LYS A 170 14.82 21.19 -18.57
N VAL A 171 15.86 21.19 -17.73
CA VAL A 171 15.63 21.03 -16.30
C VAL A 171 14.72 22.14 -15.82
N GLY A 172 13.72 21.75 -15.01
CA GLY A 172 12.63 22.65 -14.55
C GLY A 172 11.36 22.52 -15.40
N GLY A 173 11.49 21.92 -16.57
CA GLY A 173 10.35 21.74 -17.46
C GLY A 173 9.32 20.68 -17.03
N VAL A 174 8.07 20.92 -17.37
CA VAL A 174 6.96 19.99 -17.24
C VAL A 174 6.37 19.79 -18.63
N ARG A 175 6.39 18.52 -19.08
CA ARG A 175 5.90 18.14 -20.40
C ARG A 175 4.83 17.08 -20.27
N ARG A 176 3.77 17.22 -21.05
CA ARG A 176 2.68 16.27 -21.03
C ARG A 176 2.79 15.40 -22.27
N LEU A 177 3.00 14.11 -22.06
CA LEU A 177 3.13 13.14 -23.16
C LEU A 177 1.78 12.40 -23.35
N THR A 178 1.32 12.32 -24.60
CA THR A 178 0.22 11.46 -24.99
C THR A 178 0.78 10.39 -25.90
N ILE A 179 0.81 9.16 -25.36
CA ILE A 179 1.61 8.08 -25.90
C ILE A 179 0.66 7.02 -26.47
N PRO A 180 0.69 6.81 -27.79
CA PRO A 180 -0.19 5.82 -28.40
C PRO A 180 0.35 4.43 -28.06
N PRO A 181 -0.47 3.41 -28.17
CA PRO A 181 -0.12 2.12 -27.61
C PRO A 181 1.13 1.49 -28.22
N GLN A 182 1.43 1.79 -29.48
CA GLN A 182 2.62 1.18 -30.10
C GLN A 182 3.90 1.79 -29.53
N LEU A 183 3.77 2.89 -28.79
CA LEU A 183 4.91 3.52 -28.10
C LEU A 183 4.82 3.35 -26.59
N GLY A 184 3.87 2.51 -26.19
CA GLY A 184 3.60 2.20 -24.80
C GLY A 184 3.69 0.70 -24.60
N TYR A 185 2.58 0.10 -24.16
CA TYR A 185 2.54 -1.35 -23.83
C TYR A 185 1.83 -2.19 -24.86
N GLY A 186 1.44 -1.57 -25.99
CA GLY A 186 0.94 -2.32 -27.11
C GLY A 186 -0.26 -3.17 -26.77
N ALA A 187 -0.30 -4.34 -27.37
CA ALA A 187 -1.45 -5.23 -27.25
C ALA A 187 -1.46 -5.95 -25.95
N ARG A 188 -0.39 -5.91 -25.21
CA ARG A 188 -0.37 -6.69 -24.00
C ARG A 188 -0.67 -5.96 -22.69
N GLY A 189 -0.53 -4.64 -22.70
CA GLY A 189 -0.84 -3.87 -21.50
C GLY A 189 0.23 -4.11 -20.45
N ALA A 190 -0.08 -3.78 -19.20
CA ALA A 190 0.94 -3.88 -18.17
C ALA A 190 0.35 -3.85 -16.78
N GLY A 191 0.94 -4.65 -15.91
CA GLY A 191 0.73 -4.58 -14.46
C GLY A 191 -0.65 -4.87 -13.91
N GLY A 192 -1.51 -5.51 -14.67
CA GLY A 192 -2.91 -5.71 -14.22
C GLY A 192 -3.74 -4.48 -14.19
N VAL A 193 -3.22 -3.38 -14.72
CA VAL A 193 -3.88 -2.09 -14.66
CA VAL A 193 -3.95 -2.11 -14.69
C VAL A 193 -3.99 -1.39 -16.04
N ILE A 194 -2.93 -1.44 -16.83
CA ILE A 194 -2.96 -0.84 -18.17
C ILE A 194 -3.44 -1.88 -19.17
N PRO A 195 -4.58 -1.63 -19.80
CA PRO A 195 -5.17 -2.61 -20.69
C PRO A 195 -4.43 -2.65 -22.00
N PRO A 196 -4.64 -3.71 -22.77
CA PRO A 196 -4.26 -3.73 -24.20
C PRO A 196 -4.69 -2.47 -24.95
N ASN A 197 -3.85 -2.05 -25.87
CA ASN A 197 -4.15 -0.96 -26.82
C ASN A 197 -4.44 0.37 -26.13
N ALA A 198 -3.80 0.61 -24.99
CA ALA A 198 -4.07 1.81 -24.18
C ALA A 198 -3.24 2.99 -24.69
N THR A 199 -3.86 4.13 -24.89
CA THR A 199 -3.13 5.40 -24.98
C THR A 199 -2.83 5.87 -23.55
N LEU A 200 -1.63 6.34 -23.31
CA LEU A 200 -1.20 6.74 -21.95
C LEU A 200 -0.92 8.23 -21.90
N VAL A 201 -1.29 8.89 -20.82
CA VAL A 201 -0.97 10.29 -20.65
C VAL A 201 -0.03 10.40 -19.46
N PHE A 202 1.10 11.06 -19.62
CA PHE A 202 2.00 11.32 -18.50
C PHE A 202 2.28 12.80 -18.40
N GLU A 203 2.44 13.31 -17.19
CA GLU A 203 3.06 14.59 -16.96
C GLU A 203 4.37 14.33 -16.32
N VAL A 204 5.41 14.82 -16.97
CA VAL A 204 6.79 14.54 -16.61
C VAL A 204 7.49 15.83 -16.25
N GLU A 205 8.05 15.91 -15.03
CA GLU A 205 8.86 17.05 -14.62
C GLU A 205 10.35 16.67 -14.58
N LEU A 206 11.19 17.34 -15.39
CA LEU A 206 12.63 17.06 -15.45
C LEU A 206 13.33 17.73 -14.28
N LEU A 207 13.95 16.92 -13.43
CA LEU A 207 14.59 17.37 -12.21
C LEU A 207 16.09 17.53 -12.35
N ASP A 208 16.74 16.69 -13.16
CA ASP A 208 18.20 16.74 -13.27
C ASP A 208 18.63 15.97 -14.50
N VAL A 209 19.77 16.34 -15.07
CA VAL A 209 20.38 15.62 -16.20
C VAL A 209 21.85 15.32 -15.95
N GLU B 19 -23.79 -33.63 19.49
CA GLU B 19 -23.01 -34.88 19.28
C GLU B 19 -23.53 -35.68 18.06
N THR B 20 -24.78 -35.47 17.68
CA THR B 20 -25.41 -36.23 16.63
C THR B 20 -25.25 -35.63 15.22
N HIS B 21 -25.06 -34.30 15.17
CA HIS B 21 -24.95 -33.57 13.91
C HIS B 21 -23.66 -32.83 13.81
N ILE B 22 -23.23 -32.55 12.59
CA ILE B 22 -22.06 -31.69 12.42
C ILE B 22 -22.26 -30.68 11.29
N ASN B 23 -21.41 -29.66 11.32
CA ASN B 23 -21.37 -28.62 10.32
C ASN B 23 -20.18 -28.82 9.39
N LEU B 24 -20.45 -28.80 8.10
CA LEU B 24 -19.45 -28.98 7.07
C LEU B 24 -19.53 -27.84 6.07
N LYS B 25 -18.36 -27.33 5.68
CA LYS B 25 -18.27 -26.30 4.65
C LYS B 25 -17.88 -26.90 3.34
N VAL B 26 -18.63 -26.60 2.29
CA VAL B 26 -18.22 -26.98 0.93
C VAL B 26 -17.77 -25.73 0.22
N SER B 27 -16.55 -25.77 -0.31
CA SER B 27 -16.06 -24.70 -1.14
C SER B 27 -15.72 -25.17 -2.52
N ASP B 28 -16.13 -24.41 -3.54
CA ASP B 28 -15.66 -24.69 -4.92
C ASP B 28 -14.62 -23.69 -5.37
N GLY B 29 -13.95 -23.07 -4.40
CA GLY B 29 -13.00 -21.99 -4.68
C GLY B 29 -13.62 -20.62 -4.91
N SER B 30 -14.94 -20.54 -5.04
CA SER B 30 -15.62 -19.29 -5.23
C SER B 30 -16.76 -19.19 -4.22
N SER B 31 -17.72 -20.11 -4.31
CA SER B 31 -18.85 -20.18 -3.39
C SER B 31 -18.44 -20.97 -2.15
N GLU B 32 -18.97 -20.59 -1.00
CA GLU B 32 -18.78 -21.32 0.24
C GLU B 32 -20.12 -21.47 0.92
N ILE B 33 -20.51 -22.73 1.12
CA ILE B 33 -21.83 -23.04 1.63
C ILE B 33 -21.67 -24.00 2.78
N PHE B 34 -22.43 -23.79 3.86
CA PHE B 34 -22.35 -24.63 5.04
C PHE B 34 -23.54 -25.57 5.11
N PHE B 35 -23.30 -26.76 5.61
CA PHE B 35 -24.30 -27.79 5.76
C PHE B 35 -24.29 -28.35 7.16
N LYS B 36 -25.48 -28.42 7.77
CA LYS B 36 -25.65 -29.13 8.99
C LYS B 36 -26.36 -30.46 8.66
N ILE B 37 -25.71 -31.55 9.04
CA ILE B 37 -26.10 -32.89 8.65
C ILE B 37 -25.87 -33.86 9.81
N LYS B 38 -26.68 -34.91 9.87
CA LYS B 38 -26.53 -35.92 10.91
C LYS B 38 -25.28 -36.71 10.57
N LYS B 39 -24.53 -37.07 11.56
CA LYS B 39 -23.32 -37.89 11.33
C LYS B 39 -23.56 -39.24 10.61
N THR B 40 -24.79 -39.76 10.70
CA THR B 40 -25.12 -41.06 10.09
C THR B 40 -25.86 -40.95 8.72
N THR B 41 -26.02 -39.73 8.21
CA THR B 41 -26.71 -39.48 6.95
C THR B 41 -25.68 -39.60 5.82
N PRO B 42 -26.03 -40.24 4.69
CA PRO B 42 -25.07 -40.30 3.56
C PRO B 42 -24.77 -38.92 3.02
N LEU B 43 -23.52 -38.70 2.60
CA LEU B 43 -23.09 -37.42 2.08
C LEU B 43 -23.77 -37.03 0.75
N ARG B 44 -24.42 -38.02 0.12
CA ARG B 44 -25.25 -37.81 -1.04
C ARG B 44 -26.14 -36.58 -0.86
N ARG B 45 -26.74 -36.47 0.32
CA ARG B 45 -27.69 -35.39 0.61
C ARG B 45 -27.02 -34.03 0.51
N LEU B 46 -25.84 -33.91 1.11
CA LEU B 46 -25.06 -32.68 1.03
C LEU B 46 -24.61 -32.43 -0.40
N MET B 47 -24.14 -33.48 -1.08
CA MET B 47 -23.59 -33.32 -2.44
C MET B 47 -24.68 -32.86 -3.44
N GLU B 48 -25.85 -33.47 -3.33
CA GLU B 48 -27.02 -33.10 -4.15
C GLU B 48 -27.54 -31.72 -3.81
N ALA B 49 -27.55 -31.36 -2.52
CA ALA B 49 -27.98 -30.00 -2.10
C ALA B 49 -27.01 -28.95 -2.65
N PHE B 50 -25.71 -29.23 -2.62
CA PHE B 50 -24.71 -28.31 -3.16
C PHE B 50 -24.88 -28.18 -4.70
N ALA B 51 -24.94 -29.30 -5.38
CA ALA B 51 -25.08 -29.27 -6.84
C ALA B 51 -26.39 -28.55 -7.29
N LYS B 52 -27.52 -28.84 -6.61
CA LYS B 52 -28.84 -28.19 -6.85
C LYS B 52 -28.71 -26.65 -6.92
N ARG B 53 -27.93 -26.09 -6.02
CA ARG B 53 -27.72 -24.65 -5.96
C ARG B 53 -26.96 -24.07 -7.12
N GLN B 54 -25.95 -24.79 -7.57
CA GLN B 54 -25.08 -24.36 -8.65
C GLN B 54 -25.73 -24.81 -9.98
N GLY B 55 -26.99 -25.21 -9.90
CA GLY B 55 -27.77 -25.62 -11.06
C GLY B 55 -27.25 -26.83 -11.79
N LYS B 56 -26.45 -27.66 -11.11
CA LYS B 56 -25.72 -28.73 -11.79
C LYS B 56 -26.17 -30.10 -11.26
N GLU B 57 -25.88 -31.14 -12.03
CA GLU B 57 -26.14 -32.53 -11.59
C GLU B 57 -24.99 -32.93 -10.68
N MET B 58 -25.29 -33.71 -9.63
CA MET B 58 -24.29 -34.12 -8.64
C MET B 58 -23.07 -34.79 -9.31
N ASP B 59 -23.34 -35.60 -10.35
CA ASP B 59 -22.30 -36.33 -11.11
C ASP B 59 -21.39 -35.42 -11.96
N SER B 60 -21.77 -34.16 -12.17
CA SER B 60 -20.92 -33.20 -12.91
C SER B 60 -19.85 -32.59 -11.99
N LEU B 61 -19.87 -32.94 -10.70
CA LEU B 61 -18.93 -32.43 -9.69
C LEU B 61 -18.18 -33.56 -9.00
N ARG B 62 -16.97 -33.27 -8.54
CA ARG B 62 -16.18 -34.20 -7.70
C ARG B 62 -15.98 -33.54 -6.31
N PHE B 63 -16.32 -34.25 -5.24
CA PHE B 63 -16.20 -33.71 -3.86
C PHE B 63 -15.03 -34.42 -3.15
N LEU B 64 -14.08 -33.66 -2.65
CA LEU B 64 -12.88 -34.22 -2.01
C LEU B 64 -12.82 -33.82 -0.55
N TYR B 65 -12.45 -34.79 0.28
CA TYR B 65 -12.23 -34.57 1.68
C TYR B 65 -10.88 -35.12 1.96
N ASP B 66 -10.00 -34.27 2.48
CA ASP B 66 -8.61 -34.66 2.77
C ASP B 66 -7.94 -35.23 1.51
N GLY B 67 -8.21 -34.61 0.36
CA GLY B 67 -7.59 -35.05 -0.90
C GLY B 67 -8.15 -36.31 -1.52
N ILE B 68 -9.19 -36.90 -0.91
CA ILE B 68 -9.74 -38.17 -1.37
C ILE B 68 -11.16 -37.97 -1.79
N ARG B 69 -11.50 -38.45 -2.98
CA ARG B 69 -12.84 -38.31 -3.50
C ARG B 69 -13.88 -38.97 -2.59
N ILE B 70 -14.95 -38.22 -2.29
CA ILE B 70 -16.04 -38.70 -1.50
C ILE B 70 -17.00 -39.50 -2.36
N GLN B 71 -17.47 -40.62 -1.84
CA GLN B 71 -18.47 -41.42 -2.55
C GLN B 71 -19.80 -41.13 -1.88
N ALA B 72 -20.86 -41.07 -2.67
CA ALA B 72 -22.16 -40.58 -2.19
C ALA B 72 -22.78 -41.46 -1.10
N ASP B 73 -22.43 -42.75 -1.06
CA ASP B 73 -22.97 -43.64 0.01
C ASP B 73 -22.23 -43.51 1.35
N GLN B 74 -21.11 -42.79 1.38
CA GLN B 74 -20.34 -42.62 2.61
C GLN B 74 -20.98 -41.57 3.54
N THR B 75 -20.89 -41.80 4.84
CA THR B 75 -21.40 -40.88 5.85
C THR B 75 -20.24 -40.11 6.50
N PRO B 76 -20.55 -39.01 7.22
CA PRO B 76 -19.49 -38.33 7.96
C PRO B 76 -18.81 -39.26 8.96
N GLU B 77 -19.62 -40.06 9.64
CA GLU B 77 -19.10 -41.09 10.56
C GLU B 77 -18.10 -42.00 9.81
N ASP B 78 -18.49 -42.51 8.63
CA ASP B 78 -17.58 -43.39 7.85
C ASP B 78 -16.22 -42.76 7.64
N LEU B 79 -16.19 -41.46 7.36
CA LEU B 79 -14.95 -40.77 7.03
C LEU B 79 -14.27 -40.08 8.23
N ASP B 80 -14.80 -40.28 9.43
CA ASP B 80 -14.28 -39.65 10.66
C ASP B 80 -14.22 -38.12 10.61
N MET B 81 -15.24 -37.53 10.00
CA MET B 81 -15.30 -36.07 9.85
C MET B 81 -15.62 -35.44 11.19
N GLU B 82 -15.13 -34.21 11.38
CA GLU B 82 -15.42 -33.43 12.58
C GLU B 82 -16.10 -32.14 12.25
N ASP B 83 -16.66 -31.52 13.29
CA ASP B 83 -17.34 -30.24 13.12
C ASP B 83 -16.40 -29.26 12.45
N ASN B 84 -16.92 -28.55 11.48
CA ASN B 84 -16.22 -27.56 10.66
C ASN B 84 -15.16 -28.04 9.71
N ASP B 85 -15.18 -29.34 9.44
CA ASP B 85 -14.37 -29.88 8.34
C ASP B 85 -14.83 -29.36 6.99
N ILE B 86 -13.89 -29.38 6.04
CA ILE B 86 -14.10 -28.71 4.76
C ILE B 86 -14.10 -29.77 3.65
N ILE B 87 -15.02 -29.62 2.70
CA ILE B 87 -15.07 -30.44 1.52
C ILE B 87 -14.82 -29.51 0.33
N GLU B 88 -13.95 -29.93 -0.58
CA GLU B 88 -13.72 -29.21 -1.82
C GLU B 88 -14.53 -29.79 -2.98
N ALA B 89 -15.18 -28.91 -3.72
CA ALA B 89 -15.94 -29.28 -4.93
C ALA B 89 -15.21 -28.80 -6.19
N HIS B 90 -14.93 -29.73 -7.12
CA HIS B 90 -14.21 -29.48 -8.39
C HIS B 90 -15.13 -29.92 -9.54
N ARG B 91 -15.07 -29.24 -10.69
CA ARG B 91 -15.90 -29.66 -11.83
C ARG B 91 -15.38 -31.00 -12.37
N GLU B 92 -16.29 -31.94 -12.68
CA GLU B 92 -15.92 -33.18 -13.35
C GLU B 92 -15.30 -32.80 -14.70
N GLN B 93 -14.03 -33.15 -14.89
CA GLN B 93 -13.41 -32.94 -16.18
C GLN B 93 -12.65 -34.20 -16.57
N ILE B 94 -13.36 -35.14 -17.18
CA ILE B 94 -12.84 -36.51 -17.39
C ILE B 94 -11.43 -36.49 -17.97
N GLY B 95 -11.29 -36.02 -19.19
CA GLY B 95 -9.92 -36.02 -19.78
C GLY B 95 -8.82 -35.45 -18.85
N GLY B 96 -9.20 -34.49 -18.00
CA GLY B 96 -8.25 -33.66 -17.32
C GLY B 96 -8.23 -32.46 -18.25
N SER B 97 -8.23 -31.27 -17.68
CA SER B 97 -8.24 -30.01 -18.48
C SER B 97 -6.89 -29.25 -18.39
N THR B 98 -6.82 -28.16 -19.15
CA THR B 98 -5.66 -27.30 -19.09
C THR B 98 -6.14 -25.90 -19.06
N VAL B 99 -5.67 -25.15 -18.07
CA VAL B 99 -5.98 -23.76 -17.99
C VAL B 99 -4.85 -23.04 -18.66
N VAL B 100 -5.20 -22.22 -19.65
CA VAL B 100 -4.26 -21.48 -20.44
C VAL B 100 -4.19 -20.03 -19.94
N THR B 101 -2.96 -19.52 -19.74
CA THR B 101 -2.74 -18.10 -19.42
C THR B 101 -1.99 -17.43 -20.55
N THR B 102 -2.61 -16.45 -21.17
CA THR B 102 -2.01 -15.73 -22.28
C THR B 102 -1.16 -14.56 -21.78
N GLU B 103 -0.44 -13.92 -22.71
CA GLU B 103 0.40 -12.77 -22.39
C GLU B 103 -0.33 -11.54 -21.86
N SER B 104 -1.60 -11.40 -22.18
CA SER B 104 -2.40 -10.34 -21.64
C SER B 104 -2.79 -10.52 -20.18
N GLY B 105 -2.67 -11.75 -19.69
CA GLY B 105 -3.21 -12.12 -18.39
C GLY B 105 -4.52 -12.83 -18.42
N LEU B 106 -5.19 -12.90 -19.57
CA LEU B 106 -6.37 -13.72 -19.71
C LEU B 106 -6.09 -15.20 -19.36
N LYS B 107 -7.04 -15.83 -18.65
CA LYS B 107 -7.03 -17.27 -18.48
C LYS B 107 -8.25 -17.87 -19.16
N TYR B 108 -8.08 -19.03 -19.77
CA TYR B 108 -9.26 -19.78 -20.23
C TYR B 108 -9.03 -21.29 -20.15
N GLU B 109 -10.14 -22.00 -20.12
CA GLU B 109 -10.10 -23.46 -20.02
C GLU B 109 -11.22 -24.00 -20.87
N ASP B 110 -10.89 -24.85 -21.82
CA ASP B 110 -11.94 -25.51 -22.61
C ASP B 110 -12.57 -26.64 -21.79
N LEU B 111 -13.83 -26.46 -21.39
CA LEU B 111 -14.57 -27.48 -20.64
C LEU B 111 -15.08 -28.59 -21.59
N THR B 112 -15.54 -28.17 -22.77
CA THR B 112 -15.88 -29.08 -23.82
C THR B 112 -15.31 -28.53 -25.08
N GLU B 113 -14.66 -29.38 -25.85
CA GLU B 113 -14.09 -28.97 -27.11
C GLU B 113 -15.22 -28.99 -28.12
N GLY B 114 -15.26 -28.00 -29.00
CA GLY B 114 -16.32 -28.03 -30.01
C GLY B 114 -16.01 -29.04 -31.11
N SER B 115 -16.95 -29.30 -32.02
CA SER B 115 -16.63 -30.05 -33.24
C SER B 115 -16.88 -29.27 -34.51
N GLY B 116 -17.52 -28.11 -34.40
CA GLY B 116 -17.93 -27.39 -35.59
C GLY B 116 -16.90 -26.36 -36.02
N ALA B 117 -17.36 -25.32 -36.70
CA ALA B 117 -16.50 -24.31 -37.29
C ALA B 117 -15.78 -23.49 -36.20
N GLU B 118 -14.60 -22.99 -36.53
CA GLU B 118 -13.76 -22.22 -35.59
C GLU B 118 -14.09 -20.72 -35.61
N ALA B 119 -14.26 -20.13 -34.42
CA ALA B 119 -14.52 -18.71 -34.33
C ALA B 119 -13.23 -17.90 -34.61
N ARG B 120 -13.28 -16.98 -35.58
CA ARG B 120 -12.12 -16.17 -35.99
C ARG B 120 -12.45 -14.66 -35.90
N ALA B 121 -11.44 -13.84 -35.60
CA ALA B 121 -11.61 -12.38 -35.52
C ALA B 121 -12.25 -11.90 -36.82
N GLY B 122 -13.21 -11.00 -36.69
CA GLY B 122 -13.95 -10.44 -37.84
C GLY B 122 -15.29 -11.10 -38.10
N GLN B 123 -15.47 -12.34 -37.65
CA GLN B 123 -16.74 -13.04 -37.83
C GLN B 123 -17.80 -12.59 -36.80
N THR B 124 -19.06 -12.65 -37.19
CA THR B 124 -20.16 -12.45 -36.24
C THR B 124 -20.48 -13.81 -35.62
N VAL B 125 -20.29 -13.94 -34.32
CA VAL B 125 -20.51 -15.21 -33.66
C VAL B 125 -21.69 -15.11 -32.70
N SER B 126 -22.32 -16.26 -32.42
CA SER B 126 -23.44 -16.33 -31.47
C SER B 126 -23.11 -17.32 -30.33
N VAL B 127 -23.38 -16.88 -29.08
CA VAL B 127 -23.08 -17.62 -27.90
C VAL B 127 -24.19 -17.60 -26.87
N HIS B 128 -24.20 -18.61 -25.99
CA HIS B 128 -24.84 -18.43 -24.69
C HIS B 128 -23.74 -18.19 -23.67
N TYR B 129 -24.05 -17.44 -22.62
CA TYR B 129 -23.06 -17.26 -21.53
C TYR B 129 -23.73 -17.13 -20.19
N THR B 130 -22.94 -17.41 -19.16
CA THR B 130 -23.21 -16.97 -17.82
C THR B 130 -21.97 -16.28 -17.27
N GLY B 131 -22.19 -15.23 -16.48
CA GLY B 131 -21.10 -14.50 -15.84
C GLY B 131 -21.24 -14.46 -14.34
N TRP B 132 -20.13 -14.67 -13.65
CA TRP B 132 -20.06 -14.61 -12.18
C TRP B 132 -18.89 -13.75 -11.71
N LEU B 133 -19.05 -13.18 -10.54
CA LEU B 133 -17.95 -12.60 -9.79
C LEU B 133 -17.13 -13.74 -9.13
N THR B 134 -15.93 -13.40 -8.63
CA THR B 134 -15.05 -14.45 -8.05
C THR B 134 -15.58 -15.05 -6.73
N ASP B 135 -16.56 -14.40 -6.10
CA ASP B 135 -17.17 -14.97 -4.89
C ASP B 135 -18.35 -15.92 -5.24
N GLY B 136 -18.58 -16.15 -6.53
CA GLY B 136 -19.63 -17.06 -6.98
C GLY B 136 -20.96 -16.41 -7.29
N GLN B 137 -21.08 -15.10 -7.09
CA GLN B 137 -22.31 -14.40 -7.38
C GLN B 137 -22.53 -14.27 -8.88
N LYS B 138 -23.65 -14.79 -9.37
CA LYS B 138 -24.02 -14.66 -10.77
C LYS B 138 -24.44 -13.21 -11.02
N PHE B 139 -23.92 -12.58 -12.06
CA PHE B 139 -24.37 -11.22 -12.40
C PHE B 139 -25.19 -11.16 -13.69
N ASP B 140 -25.09 -12.17 -14.57
CA ASP B 140 -25.87 -12.18 -15.79
C ASP B 140 -25.78 -13.51 -16.51
N SER B 141 -26.84 -13.82 -17.26
CA SER B 141 -26.84 -14.94 -18.17
C SER B 141 -27.81 -14.69 -19.31
N SER B 142 -27.34 -14.97 -20.54
CA SER B 142 -28.18 -14.94 -21.74
C SER B 142 -29.35 -15.92 -21.64
N LYS B 143 -29.13 -17.02 -20.95
CA LYS B 143 -30.16 -18.04 -20.80
C LYS B 143 -31.32 -17.56 -19.96
N ASP B 144 -31.09 -16.59 -19.06
CA ASP B 144 -32.18 -16.06 -18.25
C ASP B 144 -33.27 -15.38 -19.13
N ARG B 145 -32.88 -14.92 -20.32
CA ARG B 145 -33.77 -14.28 -21.26
C ARG B 145 -34.01 -15.16 -22.48
N ASN B 146 -33.54 -16.41 -22.43
CA ASN B 146 -33.57 -17.33 -23.57
C ASN B 146 -33.13 -16.65 -24.86
N ASP B 147 -32.02 -15.93 -24.81
CA ASP B 147 -31.62 -15.06 -25.91
C ASP B 147 -30.11 -15.18 -26.21
N PRO B 148 -29.76 -15.96 -27.23
CA PRO B 148 -28.39 -16.04 -27.67
C PRO B 148 -27.84 -14.69 -27.96
N PHE B 149 -26.55 -14.49 -27.68
CA PHE B 149 -25.90 -13.20 -27.83
C PHE B 149 -24.96 -13.26 -29.01
N ALA B 150 -25.18 -12.37 -29.98
CA ALA B 150 -24.32 -12.27 -31.15
C ALA B 150 -23.43 -11.04 -31.05
N PHE B 151 -22.19 -11.17 -31.50
CA PHE B 151 -21.28 -10.01 -31.52
C PHE B 151 -20.20 -10.22 -32.54
N VAL B 152 -19.58 -9.11 -32.95
CA VAL B 152 -18.53 -9.17 -33.96
C VAL B 152 -17.23 -9.43 -33.19
N LEU B 153 -16.67 -10.61 -33.37
CA LEU B 153 -15.47 -11.01 -32.66
C LEU B 153 -14.30 -10.13 -33.08
N GLY B 154 -13.64 -9.55 -32.08
CA GLY B 154 -12.50 -8.65 -32.33
C GLY B 154 -12.92 -7.23 -32.64
N GLY B 155 -14.23 -6.95 -32.59
CA GLY B 155 -14.77 -5.67 -32.99
C GLY B 155 -14.84 -4.57 -31.92
N GLY B 156 -14.37 -4.84 -30.71
CA GLY B 156 -14.46 -3.84 -29.61
C GLY B 156 -15.85 -3.48 -29.08
N MET B 157 -16.85 -4.32 -29.31
CA MET B 157 -18.19 -4.09 -28.79
C MET B 157 -18.47 -4.85 -27.46
N VAL B 158 -17.52 -5.70 -27.06
CA VAL B 158 -17.57 -6.44 -25.80
C VAL B 158 -16.25 -6.19 -25.06
N ILE B 159 -16.18 -6.60 -23.81
CA ILE B 159 -14.95 -6.47 -23.04
C ILE B 159 -13.78 -7.25 -23.73
N LYS B 160 -12.58 -6.74 -23.51
CA LYS B 160 -11.39 -7.27 -24.21
C LYS B 160 -11.15 -8.75 -23.98
N GLY B 161 -11.45 -9.24 -22.78
CA GLY B 161 -11.29 -10.66 -22.47
C GLY B 161 -12.11 -11.59 -23.34
N TRP B 162 -13.28 -11.12 -23.72
CA TRP B 162 -14.14 -11.84 -24.69
C TRP B 162 -13.61 -11.79 -26.09
N ASP B 163 -13.19 -10.62 -26.53
CA ASP B 163 -12.64 -10.49 -27.87
C ASP B 163 -11.44 -11.42 -28.04
N GLU B 164 -10.62 -11.53 -27.00
CA GLU B 164 -9.49 -12.44 -27.04
C GLU B 164 -9.91 -13.90 -26.80
N GLY B 165 -10.76 -14.08 -25.80
CA GLY B 165 -11.03 -15.41 -25.28
C GLY B 165 -11.94 -16.30 -26.10
N VAL B 166 -12.81 -15.70 -26.93
CA VAL B 166 -13.75 -16.47 -27.72
C VAL B 166 -13.05 -16.97 -28.98
N GLN B 167 -12.01 -16.25 -29.42
CA GLN B 167 -11.26 -16.66 -30.62
C GLN B 167 -10.71 -18.04 -30.44
N GLY B 168 -10.93 -18.88 -31.44
CA GLY B 168 -10.42 -20.24 -31.43
C GLY B 168 -11.37 -21.27 -30.89
N MET B 169 -12.47 -20.83 -30.29
CA MET B 169 -13.52 -21.75 -29.91
C MET B 169 -14.09 -22.42 -31.18
N LYS B 170 -14.55 -23.65 -31.04
CA LYS B 170 -15.29 -24.31 -32.14
C LYS B 170 -16.77 -24.45 -31.76
N VAL B 171 -17.64 -24.38 -32.73
CA VAL B 171 -19.08 -24.48 -32.46
C VAL B 171 -19.34 -25.80 -31.71
N GLY B 172 -20.18 -25.71 -30.66
CA GLY B 172 -20.43 -26.81 -29.73
C GLY B 172 -19.53 -26.75 -28.47
N GLY B 173 -18.46 -25.95 -28.52
CA GLY B 173 -17.56 -25.81 -27.39
C GLY B 173 -18.11 -24.96 -26.22
N VAL B 174 -17.66 -25.31 -25.01
CA VAL B 174 -17.90 -24.55 -23.82
C VAL B 174 -16.53 -24.17 -23.26
N ARG B 175 -16.27 -22.87 -23.16
CA ARG B 175 -14.99 -22.34 -22.62
C ARG B 175 -15.25 -21.51 -21.39
N ARG B 176 -14.41 -21.65 -20.38
CA ARG B 176 -14.50 -20.90 -19.14
C ARG B 176 -13.40 -19.83 -19.15
N LEU B 177 -13.83 -18.57 -19.19
CA LEU B 177 -12.92 -17.43 -19.23
C LEU B 177 -12.78 -16.86 -17.82
N THR B 178 -11.53 -16.63 -17.38
CA THR B 178 -11.25 -15.90 -16.18
C THR B 178 -10.55 -14.63 -16.58
N ILE B 179 -11.26 -13.52 -16.42
CA ILE B 179 -10.91 -12.25 -17.04
C ILE B 179 -10.47 -11.28 -15.98
N PRO B 180 -9.21 -10.85 -16.01
CA PRO B 180 -8.74 -9.92 -14.98
C PRO B 180 -9.31 -8.52 -15.31
N PRO B 181 -9.38 -7.61 -14.34
CA PRO B 181 -10.13 -6.40 -14.50
C PRO B 181 -9.64 -5.50 -15.67
N GLN B 182 -8.37 -5.56 -16.02
CA GLN B 182 -7.89 -4.72 -17.12
C GLN B 182 -8.37 -5.21 -18.48
N LEU B 183 -8.93 -6.42 -18.52
CA LEU B 183 -9.59 -6.97 -19.72
C LEU B 183 -11.13 -7.09 -19.55
N GLY B 184 -11.62 -6.49 -18.47
CA GLY B 184 -13.03 -6.42 -18.15
C GLY B 184 -13.47 -4.95 -17.99
N TYR B 185 -13.92 -4.58 -16.82
CA TYR B 185 -14.46 -3.21 -16.56
C TYR B 185 -13.56 -2.35 -15.71
N GLY B 186 -12.33 -2.82 -15.45
CA GLY B 186 -11.33 -2.00 -14.89
C GLY B 186 -11.68 -1.40 -13.54
N ALA B 187 -11.24 -0.16 -13.31
CA ALA B 187 -11.47 0.52 -12.04
C ALA B 187 -12.89 1.02 -11.90
N ARG B 188 -13.68 1.00 -12.96
CA ARG B 188 -14.98 1.57 -12.82
C ARG B 188 -16.14 0.60 -12.60
N GLY B 189 -15.95 -0.66 -12.96
CA GLY B 189 -17.00 -1.62 -12.77
C GLY B 189 -18.14 -1.37 -13.76
N ALA B 190 -19.30 -1.96 -13.52
CA ALA B 190 -20.40 -1.84 -14.48
C ALA B 190 -21.72 -2.20 -13.87
N GLY B 191 -22.74 -1.45 -14.30
CA GLY B 191 -24.15 -1.78 -14.08
C GLY B 191 -24.66 -1.75 -12.65
N GLY B 192 -23.93 -1.16 -11.73
CA GLY B 192 -24.30 -1.26 -10.28
C GLY B 192 -24.13 -2.62 -9.66
N VAL B 193 -23.48 -3.55 -10.37
CA VAL B 193 -23.28 -4.90 -9.81
CA VAL B 193 -23.28 -4.89 -9.88
C VAL B 193 -21.85 -5.39 -9.94
N ILE B 194 -21.13 -5.05 -11.02
CA ILE B 194 -19.71 -5.43 -11.11
C ILE B 194 -18.90 -4.31 -10.47
N PRO B 195 -18.19 -4.62 -9.37
CA PRO B 195 -17.42 -3.64 -8.66
C PRO B 195 -16.15 -3.28 -9.39
N PRO B 196 -15.55 -2.15 -9.02
CA PRO B 196 -14.17 -1.85 -9.43
C PRO B 196 -13.21 -3.02 -9.22
N ASN B 197 -12.29 -3.17 -10.14
CA ASN B 197 -11.17 -4.11 -10.04
C ASN B 197 -11.60 -5.56 -9.95
N ALA B 198 -12.73 -5.90 -10.59
CA ALA B 198 -13.33 -7.23 -10.45
C ALA B 198 -12.72 -8.18 -11.49
N THR B 199 -12.28 -9.35 -11.06
CA THR B 199 -12.05 -10.47 -12.00
C THR B 199 -13.41 -11.11 -12.30
N LEU B 200 -13.63 -11.41 -13.54
CA LEU B 200 -14.91 -11.97 -14.00
C LEU B 200 -14.72 -13.39 -14.45
N VAL B 201 -15.68 -14.26 -14.14
CA VAL B 201 -15.64 -15.64 -14.67
C VAL B 201 -16.85 -15.77 -15.61
N PHE B 202 -16.63 -16.21 -16.84
CA PHE B 202 -17.75 -16.53 -17.74
C PHE B 202 -17.61 -17.96 -18.20
N GLU B 203 -18.75 -18.63 -18.41
CA GLU B 203 -18.79 -19.84 -19.20
C GLU B 203 -19.53 -19.48 -20.46
N VAL B 204 -18.88 -19.74 -21.58
CA VAL B 204 -19.34 -19.33 -22.92
C VAL B 204 -19.54 -20.57 -23.78
N GLU B 205 -20.75 -20.73 -24.28
CA GLU B 205 -21.04 -21.83 -25.23
C GLU B 205 -21.18 -21.25 -26.62
N LEU B 206 -20.32 -21.68 -27.56
CA LEU B 206 -20.37 -21.19 -28.95
C LEU B 206 -21.44 -21.93 -29.74
N LEU B 207 -22.41 -21.18 -30.22
CA LEU B 207 -23.60 -21.73 -30.91
C LEU B 207 -23.48 -21.65 -32.42
N ASP B 208 -22.83 -20.62 -32.95
CA ASP B 208 -22.78 -20.45 -34.41
C ASP B 208 -21.68 -19.45 -34.75
N VAL B 209 -21.12 -19.58 -35.94
CA VAL B 209 -20.13 -18.60 -36.45
C VAL B 209 -20.54 -18.07 -37.82
N THR C 20 33.99 -27.12 7.37
CA THR C 20 34.13 -25.99 8.33
C THR C 20 32.79 -25.33 8.73
N HIS C 21 31.69 -25.62 8.03
CA HIS C 21 30.35 -25.04 8.34
C HIS C 21 29.29 -26.08 8.63
N ILE C 22 28.26 -25.69 9.40
CA ILE C 22 27.14 -26.58 9.71
C ILE C 22 25.80 -25.87 9.50
N ASN C 23 24.75 -26.67 9.22
CA ASN C 23 23.38 -26.20 9.14
C ASN C 23 22.58 -26.61 10.38
N LEU C 24 21.92 -25.63 10.98
CA LEU C 24 21.16 -25.82 12.18
C LEU C 24 19.78 -25.26 12.03
N LYS C 25 18.77 -26.00 12.51
CA LYS C 25 17.38 -25.53 12.50
C LYS C 25 17.05 -24.98 13.88
N VAL C 26 16.51 -23.77 13.91
CA VAL C 26 15.97 -23.23 15.14
C VAL C 26 14.45 -23.25 15.02
N SER C 27 13.79 -23.81 16.03
CA SER C 27 12.33 -23.73 16.11
C SER C 27 11.91 -23.05 17.39
N ASP C 28 10.95 -22.12 17.28
CA ASP C 28 10.32 -21.54 18.45
C ASP C 28 8.93 -22.13 18.69
N GLY C 29 8.69 -23.32 18.14
CA GLY C 29 7.37 -23.94 18.19
C GLY C 29 6.40 -23.46 17.14
N SER C 30 6.75 -22.39 16.42
CA SER C 30 5.89 -21.86 15.37
C SER C 30 6.68 -21.74 14.06
N SER C 31 7.64 -20.82 14.04
CA SER C 31 8.55 -20.66 12.90
C SER C 31 9.68 -21.69 13.01
N GLU C 32 10.12 -22.19 11.86
CA GLU C 32 11.27 -23.08 11.77
C GLU C 32 12.21 -22.53 10.70
N ILE C 33 13.36 -22.02 11.14
CA ILE C 33 14.29 -21.31 10.28
C ILE C 33 15.66 -21.98 10.35
N PHE C 34 16.35 -22.06 9.20
CA PHE C 34 17.66 -22.68 9.12
C PHE C 34 18.79 -21.67 9.10
N PHE C 35 19.92 -22.06 9.68
CA PHE C 35 21.11 -21.23 9.72
C PHE C 35 22.31 -22.03 9.25
N LYS C 36 23.09 -21.43 8.36
CA LYS C 36 24.41 -21.95 8.03
C LYS C 36 25.44 -21.06 8.71
N ILE C 37 26.28 -21.67 9.55
CA ILE C 37 27.27 -20.96 10.38
C ILE C 37 28.58 -21.77 10.42
N LYS C 38 29.69 -21.08 10.64
CA LYS C 38 31.00 -21.75 10.78
C LYS C 38 31.01 -22.54 12.10
N LYS C 39 31.56 -23.75 12.10
CA LYS C 39 31.63 -24.58 13.32
C LYS C 39 32.37 -23.90 14.49
N THR C 40 33.26 -22.95 14.17
CA THR C 40 34.06 -22.24 15.18
C THR C 40 33.52 -20.85 15.53
N THR C 41 32.36 -20.49 14.98
CA THR C 41 31.74 -19.20 15.26
C THR C 41 30.85 -19.35 16.52
N PRO C 42 30.90 -18.36 17.44
CA PRO C 42 29.97 -18.40 18.58
C PRO C 42 28.49 -18.44 18.15
N LEU C 43 27.69 -19.19 18.89
CA LEU C 43 26.25 -19.32 18.61
C LEU C 43 25.48 -18.01 18.83
N ARG C 44 26.12 -17.03 19.50
CA ARG C 44 25.58 -15.66 19.63
C ARG C 44 25.03 -15.13 18.30
N ARG C 45 25.78 -15.36 17.21
CA ARG C 45 25.40 -14.82 15.90
C ARG C 45 24.07 -15.44 15.41
N LEU C 46 23.92 -16.75 15.57
CA LEU C 46 22.67 -17.43 15.24
C LEU C 46 21.52 -16.98 16.18
N MET C 47 21.81 -16.86 17.47
CA MET C 47 20.80 -16.50 18.46
C MET C 47 20.26 -15.09 18.21
N GLU C 48 21.19 -14.16 17.97
CA GLU C 48 20.83 -12.78 17.65
C GLU C 48 20.07 -12.68 16.30
N ALA C 49 20.48 -13.45 15.30
CA ALA C 49 19.77 -13.46 13.99
C ALA C 49 18.34 -13.98 14.14
N PHE C 50 18.17 -15.03 14.97
CA PHE C 50 16.85 -15.58 15.23
C PHE C 50 15.97 -14.57 16.00
N ALA C 51 16.51 -14.00 17.08
CA ALA C 51 15.76 -13.04 17.87
C ALA C 51 15.34 -11.79 17.03
N LYS C 52 16.29 -11.26 16.22
CA LYS C 52 16.04 -10.09 15.33
C LYS C 52 14.78 -10.29 14.49
N ARG C 53 14.57 -11.50 13.98
CA ARG C 53 13.40 -11.82 13.15
C ARG C 53 12.09 -11.80 13.90
N GLN C 54 12.12 -12.30 15.13
CA GLN C 54 10.94 -12.38 15.98
C GLN C 54 10.72 -11.03 16.66
N GLY C 55 11.50 -10.03 16.25
CA GLY C 55 11.46 -8.69 16.82
C GLY C 55 11.84 -8.61 18.30
N LYS C 56 12.61 -9.58 18.80
CA LYS C 56 12.90 -9.67 20.24
C LYS C 56 14.40 -9.49 20.53
N GLU C 57 14.73 -9.15 21.77
CA GLU C 57 16.12 -9.06 22.22
C GLU C 57 16.59 -10.48 22.55
N MET C 58 17.85 -10.79 22.24
CA MET C 58 18.37 -12.16 22.41
C MET C 58 18.20 -12.68 23.85
N ASP C 59 18.38 -11.78 24.84
CA ASP C 59 18.23 -12.10 26.27
C ASP C 59 16.78 -12.37 26.73
N SER C 60 15.80 -12.03 25.89
CA SER C 60 14.39 -12.31 26.18
C SER C 60 14.02 -13.77 25.82
N LEU C 61 14.96 -14.50 25.21
CA LEU C 61 14.74 -15.87 24.75
C LEU C 61 15.74 -16.82 25.38
N ARG C 62 15.34 -18.09 25.52
CA ARG C 62 16.22 -19.16 25.97
C ARG C 62 16.37 -20.19 24.84
N PHE C 63 17.61 -20.50 24.47
CA PHE C 63 17.88 -21.47 23.40
C PHE C 63 18.40 -22.77 24.01
N LEU C 64 17.75 -23.88 23.67
CA LEU C 64 18.15 -25.19 24.20
C LEU C 64 18.63 -26.10 23.08
N TYR C 65 19.69 -26.86 23.37
CA TYR C 65 20.15 -27.93 22.51
C TYR C 65 20.28 -29.18 23.36
N ASP C 66 19.57 -30.24 22.96
CA ASP C 66 19.52 -31.48 23.71
C ASP C 66 19.10 -31.21 25.18
N GLY C 67 18.11 -30.34 25.35
CA GLY C 67 17.57 -30.02 26.68
C GLY C 67 18.41 -29.12 27.58
N ILE C 68 19.57 -28.68 27.08
CA ILE C 68 20.51 -27.87 27.87
C ILE C 68 20.63 -26.46 27.25
N ARG C 69 20.47 -25.43 28.08
CA ARG C 69 20.53 -24.04 27.63
C ARG C 69 21.89 -23.73 26.97
N ILE C 70 21.84 -23.13 25.77
CA ILE C 70 23.03 -22.69 25.03
C ILE C 70 23.51 -21.34 25.55
N GLN C 71 24.82 -21.19 25.76
CA GLN C 71 25.40 -19.92 26.19
C GLN C 71 25.97 -19.26 24.96
N ALA C 72 25.82 -17.93 24.86
CA ALA C 72 26.14 -17.21 23.62
C ALA C 72 27.60 -17.35 23.17
N ASP C 73 28.53 -17.55 24.13
CA ASP C 73 29.95 -17.69 23.80
C ASP C 73 30.31 -19.10 23.29
N GLN C 74 29.40 -20.05 23.41
CA GLN C 74 29.66 -21.43 22.97
C GLN C 74 29.54 -21.57 21.44
N THR C 75 30.39 -22.42 20.87
CA THR C 75 30.37 -22.69 19.42
C THR C 75 29.70 -24.04 19.14
N PRO C 76 29.31 -24.28 17.87
CA PRO C 76 28.83 -25.62 17.51
C PRO C 76 29.87 -26.72 17.81
N GLU C 77 31.14 -26.44 17.52
CA GLU C 77 32.24 -27.35 17.85
C GLU C 77 32.26 -27.66 19.34
N ASP C 78 32.20 -26.63 20.19
CA ASP C 78 32.17 -26.80 21.64
C ASP C 78 31.05 -27.77 22.08
N LEU C 79 29.89 -27.70 21.45
CA LEU C 79 28.73 -28.51 21.83
C LEU C 79 28.57 -29.82 21.01
N ASP C 80 29.57 -30.13 20.18
CA ASP C 80 29.56 -31.34 19.34
C ASP C 80 28.31 -31.45 18.46
N MET C 81 27.87 -30.31 17.92
CA MET C 81 26.70 -30.27 17.05
C MET C 81 27.01 -30.88 15.71
N GLU C 82 26.01 -31.50 15.11
CA GLU C 82 26.14 -32.11 13.79
C GLU C 82 25.21 -31.42 12.79
N ASP C 83 25.51 -31.59 11.52
CA ASP C 83 24.70 -31.01 10.47
C ASP C 83 23.24 -31.42 10.65
N ASN C 84 22.35 -30.45 10.50
CA ASN C 84 20.89 -30.60 10.67
C ASN C 84 20.37 -30.84 12.12
N ASP C 85 21.22 -30.61 13.12
CA ASP C 85 20.76 -30.58 14.51
C ASP C 85 19.74 -29.46 14.74
N ILE C 86 18.92 -29.64 15.77
CA ILE C 86 17.80 -28.72 16.05
C ILE C 86 18.02 -27.99 17.38
N ILE C 87 17.75 -26.68 17.38
CA ILE C 87 17.84 -25.84 18.57
C ILE C 87 16.44 -25.31 18.85
N GLU C 88 16.00 -25.39 20.12
CA GLU C 88 14.68 -24.93 20.54
C GLU C 88 14.76 -23.57 21.22
N ALA C 89 13.92 -22.63 20.75
CA ALA C 89 13.82 -21.29 21.33
C ALA C 89 12.53 -21.19 22.17
N HIS C 90 12.66 -20.69 23.39
CA HIS C 90 11.52 -20.47 24.32
C HIS C 90 11.55 -19.06 24.88
N ARG C 91 10.38 -18.48 25.18
CA ARG C 91 10.30 -17.14 25.81
C ARG C 91 10.57 -17.18 27.32
N SER C 97 6.39 -19.63 33.56
CA SER C 97 5.10 -19.02 33.24
C SER C 97 3.88 -19.89 33.60
N THR C 98 2.69 -19.29 33.55
CA THR C 98 1.45 -19.99 33.85
C THR C 98 0.43 -19.91 32.70
N VAL C 99 0.26 -21.01 31.97
CA VAL C 99 -0.68 -21.08 30.84
C VAL C 99 -1.96 -21.73 31.33
N VAL C 100 -3.07 -21.03 31.15
CA VAL C 100 -4.37 -21.45 31.59
C VAL C 100 -5.18 -21.98 30.39
N THR C 101 -5.79 -23.17 30.54
CA THR C 101 -6.74 -23.68 29.57
C THR C 101 -8.11 -23.75 30.21
N THR C 102 -9.07 -23.04 29.61
CA THR C 102 -10.45 -23.02 30.14
C THR C 102 -11.27 -24.15 29.53
N GLU C 103 -12.50 -24.29 30.02
CA GLU C 103 -13.40 -25.35 29.55
C GLU C 103 -13.75 -25.22 28.08
N SER C 104 -13.65 -24.02 27.53
CA SER C 104 -13.97 -23.81 26.14
C SER C 104 -12.84 -24.22 25.20
N GLY C 105 -11.66 -24.45 25.77
CA GLY C 105 -10.47 -24.76 24.98
C GLY C 105 -9.58 -23.56 24.77
N LEU C 106 -10.05 -22.38 25.15
CA LEU C 106 -9.21 -21.19 25.07
C LEU C 106 -7.97 -21.39 25.96
N LYS C 107 -6.82 -20.95 25.48
CA LYS C 107 -5.61 -20.85 26.33
C LYS C 107 -5.21 -19.39 26.49
N TYR C 108 -4.76 -19.04 27.70
CA TYR C 108 -4.18 -17.71 27.89
C TYR C 108 -3.05 -17.71 28.91
N GLU C 109 -2.20 -16.71 28.79
CA GLU C 109 -1.08 -16.55 29.69
C GLU C 109 -0.88 -15.06 29.95
N ASP C 110 -0.88 -14.66 31.21
CA ASP C 110 -0.60 -13.28 31.55
C ASP C 110 0.90 -12.98 31.52
N LEU C 111 1.34 -12.20 30.55
CA LEU C 111 2.75 -11.82 30.41
C LEU C 111 3.12 -10.71 31.42
N THR C 112 2.19 -9.78 31.62
CA THR C 112 2.28 -8.74 32.62
C THR C 112 0.89 -8.68 33.24
N GLU C 113 0.85 -8.70 34.55
CA GLU C 113 -0.41 -8.65 35.27
C GLU C 113 -0.78 -7.16 35.34
N GLY C 114 -2.02 -6.80 35.04
CA GLY C 114 -2.39 -5.39 35.15
C GLY C 114 -2.57 -4.96 36.58
N SER C 115 -2.61 -3.66 36.84
CA SER C 115 -2.90 -3.17 38.21
C SER C 115 -4.14 -2.28 38.29
N GLY C 116 -4.71 -1.93 37.14
CA GLY C 116 -5.79 -0.97 37.12
C GLY C 116 -7.13 -1.70 37.14
N ALA C 117 -8.14 -1.04 36.58
CA ALA C 117 -9.53 -1.54 36.60
C ALA C 117 -9.66 -2.83 35.82
N GLU C 118 -10.57 -3.70 36.26
CA GLU C 118 -10.74 -5.03 35.70
C GLU C 118 -11.76 -5.01 34.57
N ALA C 119 -11.42 -5.61 33.45
CA ALA C 119 -12.33 -5.67 32.29
C ALA C 119 -13.45 -6.68 32.55
N ARG C 120 -14.70 -6.21 32.45
CA ARG C 120 -15.87 -7.02 32.73
C ARG C 120 -16.83 -7.01 31.54
N ALA C 121 -17.59 -8.09 31.37
CA ALA C 121 -18.59 -8.16 30.29
C ALA C 121 -19.52 -6.97 30.37
N GLY C 122 -19.79 -6.36 29.22
CA GLY C 122 -20.69 -5.21 29.09
C GLY C 122 -19.94 -3.89 28.98
N GLN C 123 -18.69 -3.85 29.44
CA GLN C 123 -17.91 -2.62 29.40
C GLN C 123 -17.33 -2.41 28.01
N THR C 124 -17.16 -1.16 27.61
CA THR C 124 -16.41 -0.80 26.42
C THR C 124 -14.92 -0.70 26.83
N VAL C 125 -14.08 -1.58 26.30
CA VAL C 125 -12.67 -1.58 26.67
C VAL C 125 -11.82 -1.17 25.48
N SER C 126 -10.60 -0.73 25.77
CA SER C 126 -9.64 -0.32 24.71
C SER C 126 -8.33 -1.09 24.89
N VAL C 127 -7.84 -1.64 23.80
CA VAL C 127 -6.66 -2.45 23.80
C VAL C 127 -5.73 -2.13 22.63
N HIS C 128 -4.45 -2.50 22.79
CA HIS C 128 -3.60 -2.73 21.62
C HIS C 128 -3.44 -4.19 21.44
N TYR C 129 -3.24 -4.62 20.20
CA TYR C 129 -3.03 -6.05 19.97
C TYR C 129 -2.14 -6.33 18.77
N THR C 130 -1.57 -7.53 18.79
CA THR C 130 -0.95 -8.14 17.59
C THR C 130 -1.45 -9.55 17.46
N GLY C 131 -1.74 -9.95 16.22
CA GLY C 131 -2.22 -11.27 15.94
C GLY C 131 -1.28 -12.00 15.00
N TRP C 132 -1.04 -13.28 15.33
CA TRP C 132 -0.23 -14.17 14.47
C TRP C 132 -0.92 -15.47 14.19
N LEU C 133 -0.57 -16.07 13.05
CA LEU C 133 -0.89 -17.47 12.81
C LEU C 133 0.12 -18.36 13.55
N THR C 134 -0.18 -19.67 13.67
CA THR C 134 0.69 -20.58 14.44
C THR C 134 2.04 -20.85 13.75
N ASP C 135 2.20 -20.48 12.48
CA ASP C 135 3.51 -20.56 11.81
C ASP C 135 4.35 -19.31 12.04
N GLY C 136 3.83 -18.39 12.85
CA GLY C 136 4.58 -17.19 13.20
C GLY C 136 4.30 -15.97 12.32
N GLN C 137 3.49 -16.12 11.27
CA GLN C 137 3.14 -14.99 10.40
C GLN C 137 2.21 -14.00 11.11
N LYS C 138 2.64 -12.75 11.20
CA LYS C 138 1.80 -11.66 11.73
C LYS C 138 0.73 -11.36 10.72
N PHE C 139 -0.53 -11.32 11.14
CA PHE C 139 -1.61 -10.95 10.23
C PHE C 139 -2.19 -9.58 10.51
N ASP C 140 -2.01 -9.05 11.72
CA ASP C 140 -2.50 -7.69 12.03
C ASP C 140 -1.98 -7.18 13.34
N SER C 141 -1.91 -5.86 13.44
CA SER C 141 -1.61 -5.20 14.67
C SER C 141 -2.19 -3.80 14.66
N SER C 142 -2.87 -3.45 15.76
CA SER C 142 -3.38 -2.12 16.00
C SER C 142 -2.25 -1.07 16.05
N LYS C 143 -1.08 -1.51 16.51
CA LYS C 143 0.07 -0.63 16.59
C LYS C 143 0.59 -0.23 15.23
N ASP C 144 0.40 -1.05 14.19
CA ASP C 144 0.81 -0.66 12.84
C ASP C 144 0.09 0.60 12.32
N ARG C 145 -1.11 0.87 12.85
CA ARG C 145 -1.90 2.04 12.50
C ARG C 145 -1.95 3.03 13.68
N ASN C 146 -1.14 2.79 14.72
CA ASN C 146 -1.15 3.61 15.93
C ASN C 146 -2.58 3.90 16.41
N ASP C 147 -3.40 2.85 16.48
CA ASP C 147 -4.81 3.01 16.71
C ASP C 147 -5.33 1.98 17.71
N PRO C 148 -5.49 2.40 18.97
CA PRO C 148 -6.11 1.52 19.97
C PRO C 148 -7.47 1.05 19.49
N PHE C 149 -7.85 -0.16 19.85
CA PHE C 149 -9.06 -0.78 19.41
C PHE C 149 -10.03 -0.91 20.57
N ALA C 150 -11.20 -0.33 20.41
CA ALA C 150 -12.22 -0.38 21.42
C ALA C 150 -13.36 -1.31 21.03
N PHE C 151 -13.87 -2.05 21.99
CA PHE C 151 -15.02 -2.95 21.70
C PHE C 151 -15.82 -3.21 22.96
N VAL C 152 -17.07 -3.61 22.80
CA VAL C 152 -17.95 -3.94 23.92
C VAL C 152 -17.70 -5.40 24.31
N LEU C 153 -17.07 -5.58 25.46
CA LEU C 153 -16.68 -6.92 25.94
C LEU C 153 -17.89 -7.77 26.18
N GLY C 154 -17.88 -8.96 25.61
CA GLY C 154 -19.01 -9.88 25.73
C GLY C 154 -20.11 -9.61 24.72
N GLY C 155 -19.91 -8.63 23.83
CA GLY C 155 -20.97 -8.12 22.99
C GLY C 155 -21.14 -8.83 21.64
N GLY C 156 -20.32 -9.83 21.35
CA GLY C 156 -20.38 -10.52 20.06
C GLY C 156 -19.92 -9.68 18.85
N MET C 157 -19.15 -8.61 19.07
CA MET C 157 -18.56 -7.81 17.95
C MET C 157 -17.13 -8.30 17.57
N VAL C 158 -16.55 -9.19 18.36
CA VAL C 158 -15.25 -9.76 18.08
C VAL C 158 -15.38 -11.28 18.21
N ILE C 159 -14.34 -12.00 17.83
CA ILE C 159 -14.35 -13.44 17.95
C ILE C 159 -14.48 -13.92 19.39
N LYS C 160 -15.05 -15.10 19.54
CA LYS C 160 -15.46 -15.60 20.87
C LYS C 160 -14.27 -15.67 21.82
N GLY C 161 -13.11 -16.07 21.32
CA GLY C 161 -11.90 -16.16 22.16
C GLY C 161 -11.49 -14.85 22.82
N TRP C 162 -11.76 -13.74 22.13
CA TRP C 162 -11.55 -12.39 22.70
C TRP C 162 -12.59 -12.04 23.71
N ASP C 163 -13.86 -12.32 23.42
CA ASP C 163 -14.94 -12.04 24.39
C ASP C 163 -14.71 -12.80 25.70
N GLU C 164 -14.24 -14.04 25.62
CA GLU C 164 -13.87 -14.80 26.81
C GLU C 164 -12.52 -14.32 27.38
N GLY C 165 -11.52 -14.18 26.52
CA GLY C 165 -10.12 -14.07 26.93
C GLY C 165 -9.70 -12.73 27.51
N VAL C 166 -10.39 -11.67 27.13
CA VAL C 166 -10.03 -10.32 27.60
C VAL C 166 -10.70 -10.05 28.96
N GLN C 167 -11.79 -10.77 29.26
CA GLN C 167 -12.43 -10.69 30.57
C GLN C 167 -11.44 -11.05 31.68
N GLY C 168 -11.40 -10.20 32.71
CA GLY C 168 -10.55 -10.42 33.83
C GLY C 168 -9.18 -9.78 33.72
N MET C 169 -8.84 -9.28 32.54
CA MET C 169 -7.62 -8.49 32.42
C MET C 169 -7.79 -7.21 33.25
N LYS C 170 -6.67 -6.71 33.76
CA LYS C 170 -6.66 -5.41 34.39
C LYS C 170 -5.88 -4.42 33.57
N VAL C 171 -6.25 -3.15 33.68
CA VAL C 171 -5.55 -2.10 32.89
C VAL C 171 -4.09 -2.15 33.20
N GLY C 172 -3.28 -2.10 32.15
CA GLY C 172 -1.83 -2.29 32.28
C GLY C 172 -1.36 -3.71 31.94
N GLY C 173 -2.30 -4.65 31.89
CA GLY C 173 -1.99 -6.05 31.62
C GLY C 173 -1.75 -6.40 30.16
N VAL C 174 -0.86 -7.36 29.93
CA VAL C 174 -0.56 -7.91 28.64
C VAL C 174 -0.80 -9.42 28.73
N ARG C 175 -1.78 -9.89 27.96
CA ARG C 175 -2.22 -11.29 27.97
C ARG C 175 -2.03 -11.89 26.60
N ARG C 176 -1.49 -13.10 26.57
CA ARG C 176 -1.32 -13.85 25.33
C ARG C 176 -2.42 -14.90 25.20
N LEU C 177 -3.24 -14.77 24.15
CA LEU C 177 -4.38 -15.66 23.89
C LEU C 177 -4.00 -16.64 22.76
N THR C 178 -4.23 -17.92 22.99
CA THR C 178 -4.15 -18.93 21.94
C THR C 178 -5.57 -19.47 21.71
N ILE C 179 -6.11 -19.17 20.53
CA ILE C 179 -7.52 -19.28 20.26
C ILE C 179 -7.74 -20.38 19.23
N PRO C 180 -8.36 -21.49 19.64
CA PRO C 180 -8.66 -22.53 18.62
C PRO C 180 -9.74 -22.02 17.61
N PRO C 181 -9.79 -22.61 16.40
CA PRO C 181 -10.62 -22.06 15.34
C PRO C 181 -12.09 -21.94 15.68
N GLN C 182 -12.62 -22.81 16.53
CA GLN C 182 -14.05 -22.69 16.86
C GLN C 182 -14.34 -21.45 17.72
N LEU C 183 -13.30 -20.84 18.26
CA LEU C 183 -13.42 -19.58 19.02
C LEU C 183 -12.83 -18.39 18.23
N GLY C 184 -12.52 -18.66 16.94
CA GLY C 184 -11.96 -17.68 16.02
C GLY C 184 -12.87 -17.55 14.81
N TYR C 185 -12.30 -17.85 13.65
CA TYR C 185 -13.03 -17.69 12.36
C TYR C 185 -13.47 -18.99 11.75
N GLY C 186 -13.28 -20.10 12.50
CA GLY C 186 -13.84 -21.37 12.09
C GLY C 186 -13.38 -21.80 10.72
N ALA C 187 -14.28 -22.43 9.98
CA ALA C 187 -13.95 -22.93 8.63
C ALA C 187 -13.89 -21.81 7.58
N ARG C 188 -14.39 -20.63 7.93
CA ARG C 188 -14.42 -19.46 7.01
C ARG C 188 -13.07 -18.80 6.79
N GLY C 189 -12.30 -18.72 7.87
CA GLY C 189 -11.13 -17.86 7.87
C GLY C 189 -11.54 -16.38 7.73
N ALA C 190 -10.59 -15.53 7.35
CA ALA C 190 -10.86 -14.12 7.30
C ALA C 190 -9.82 -13.34 6.52
N GLY C 191 -10.31 -12.37 5.76
CA GLY C 191 -9.49 -11.34 5.12
C GLY C 191 -8.50 -11.79 4.05
N GLY C 192 -8.68 -12.98 3.49
CA GLY C 192 -7.70 -13.53 2.55
C GLY C 192 -6.35 -13.83 3.19
N VAL C 193 -6.26 -13.75 4.53
CA VAL C 193 -4.99 -13.98 5.23
C VAL C 193 -5.10 -15.03 6.35
N ILE C 194 -6.21 -15.07 7.07
CA ILE C 194 -6.42 -16.15 8.05
C ILE C 194 -7.12 -17.30 7.34
N PRO C 195 -6.44 -18.42 7.24
CA PRO C 195 -7.04 -19.56 6.58
C PRO C 195 -8.15 -20.23 7.37
N PRO C 196 -8.94 -21.06 6.69
CA PRO C 196 -9.88 -21.95 7.36
C PRO C 196 -9.22 -22.76 8.45
N ASN C 197 -9.96 -22.92 9.54
CA ASN C 197 -9.59 -23.78 10.65
C ASN C 197 -8.23 -23.46 11.28
N ALA C 198 -7.94 -22.15 11.34
CA ALA C 198 -6.70 -21.62 11.93
C ALA C 198 -6.76 -21.40 13.45
N THR C 199 -5.71 -21.84 14.15
CA THR C 199 -5.49 -21.40 15.55
C THR C 199 -4.83 -20.04 15.52
N LEU C 200 -5.29 -19.12 16.34
CA LEU C 200 -4.80 -17.74 16.34
C LEU C 200 -4.07 -17.41 17.63
N VAL C 201 -2.96 -16.70 17.55
CA VAL C 201 -2.26 -16.21 18.75
C VAL C 201 -2.33 -14.70 18.77
N PHE C 202 -2.81 -14.13 19.87
CA PHE C 202 -2.82 -12.68 20.02
C PHE C 202 -2.08 -12.30 21.30
N GLU C 203 -1.38 -11.16 21.27
CA GLU C 203 -0.95 -10.49 22.47
C GLU C 203 -1.75 -9.24 22.58
N VAL C 204 -2.46 -9.13 23.70
CA VAL C 204 -3.41 -8.06 23.94
C VAL C 204 -2.97 -7.24 25.15
N GLU C 205 -2.79 -5.94 24.96
CA GLU C 205 -2.54 -5.01 26.08
C GLU C 205 -3.78 -4.19 26.40
N LEU C 206 -4.28 -4.27 27.64
CA LEU C 206 -5.47 -3.54 28.06
C LEU C 206 -5.08 -2.11 28.47
N LEU C 207 -5.63 -1.15 27.74
CA LEU C 207 -5.28 0.27 27.89
C LEU C 207 -6.28 1.04 28.75
N ASP C 208 -7.56 0.66 28.70
CA ASP C 208 -8.60 1.40 29.41
C ASP C 208 -9.87 0.57 29.47
N VAL C 209 -10.70 0.82 30.49
CA VAL C 209 -12.00 0.18 30.63
C VAL C 209 -13.13 1.20 30.85
N THR D 20 29.04 40.30 -16.91
CA THR D 20 28.36 39.00 -17.21
C THR D 20 28.03 38.18 -15.97
N HIS D 21 28.75 38.40 -14.87
CA HIS D 21 28.57 37.62 -13.62
C HIS D 21 28.25 38.48 -12.44
N ILE D 22 27.62 37.89 -11.42
CA ILE D 22 27.36 38.58 -10.16
C ILE D 22 27.73 37.72 -8.95
N ASN D 23 28.04 38.39 -7.83
CA ASN D 23 28.26 37.73 -6.54
C ASN D 23 27.05 37.93 -5.64
N LEU D 24 26.58 36.84 -5.09
CA LEU D 24 25.41 36.83 -4.25
C LEU D 24 25.72 36.09 -2.94
N LYS D 25 25.27 36.67 -1.83
CA LYS D 25 25.41 36.04 -0.52
C LYS D 25 24.11 35.34 -0.17
N VAL D 26 24.21 34.09 0.23
CA VAL D 26 23.06 33.40 0.80
C VAL D 26 23.29 33.24 2.30
N SER D 27 22.33 33.70 3.10
CA SER D 27 22.37 33.52 4.56
C SER D 27 21.15 32.76 5.06
N ASP D 28 21.38 31.73 5.88
CA ASP D 28 20.28 31.04 6.56
C ASP D 28 20.20 31.44 8.02
N GLY D 29 20.82 32.57 8.35
CA GLY D 29 21.05 32.91 9.74
C GLY D 29 22.15 32.03 10.29
N GLU D 32 26.63 31.75 6.21
CA GLU D 32 26.74 32.71 5.13
C GLU D 32 27.74 32.23 4.08
N ILE D 33 27.25 32.01 2.86
CA ILE D 33 28.04 31.48 1.76
C ILE D 33 27.86 32.38 0.54
N PHE D 34 28.94 32.63 -0.20
CA PHE D 34 28.89 33.47 -1.40
C PHE D 34 28.90 32.63 -2.68
N PHE D 35 28.20 33.13 -3.70
CA PHE D 35 28.12 32.47 -4.98
C PHE D 35 28.45 33.43 -6.08
N LYS D 36 29.34 33.02 -6.98
CA LYS D 36 29.55 33.74 -8.21
C LYS D 36 28.85 32.97 -9.30
N ILE D 37 27.94 33.63 -10.00
CA ILE D 37 27.12 33.00 -11.07
C ILE D 37 26.92 33.98 -12.22
N LYS D 38 26.69 33.45 -13.41
CA LYS D 38 26.41 34.26 -14.58
C LYS D 38 25.01 34.90 -14.37
N LYS D 39 24.88 36.17 -14.75
CA LYS D 39 23.61 36.90 -14.57
C LYS D 39 22.44 36.22 -15.32
N THR D 40 22.75 35.41 -16.33
CA THR D 40 21.74 34.73 -17.16
C THR D 40 21.52 33.26 -16.78
N THR D 41 22.19 32.80 -15.72
CA THR D 41 22.06 31.42 -15.27
C THR D 41 20.87 31.35 -14.28
N PRO D 42 20.02 30.33 -14.42
CA PRO D 42 18.95 30.15 -13.43
C PRO D 42 19.47 30.02 -12.00
N LEU D 43 18.74 30.58 -11.05
CA LEU D 43 19.12 30.52 -9.64
C LEU D 43 19.09 29.11 -9.04
N ARG D 44 18.44 28.19 -9.76
CA ARG D 44 18.45 26.76 -9.42
CA ARG D 44 18.45 26.78 -9.39
C ARG D 44 19.86 26.28 -9.04
N ARG D 45 20.86 26.71 -9.81
CA ARG D 45 22.26 26.24 -9.62
C ARG D 45 22.79 26.69 -8.28
N LEU D 46 22.52 27.94 -7.92
CA LEU D 46 22.91 28.46 -6.63
C LEU D 46 22.12 27.76 -5.51
N MET D 47 20.82 27.56 -5.73
CA MET D 47 19.95 27.00 -4.70
C MET D 47 20.35 25.56 -4.40
N GLU D 48 20.59 24.80 -5.45
CA GLU D 48 21.04 23.40 -5.33
C GLU D 48 22.43 23.30 -4.72
N ALA D 49 23.33 24.20 -5.09
CA ALA D 49 24.70 24.21 -4.47
C ALA D 49 24.61 24.52 -2.98
N PHE D 50 23.75 25.45 -2.58
CA PHE D 50 23.55 25.78 -1.16
C PHE D 50 22.96 24.59 -0.40
N ALA D 51 21.91 24.00 -0.95
CA ALA D 51 21.27 22.86 -0.30
C ALA D 51 22.22 21.66 -0.18
N LYS D 52 22.96 21.35 -1.25
CA LYS D 52 23.97 20.24 -1.26
C LYS D 52 24.93 20.32 -0.08
N ARG D 53 25.36 21.52 0.27
CA ARG D 53 26.27 21.73 1.41
C ARG D 53 25.63 21.33 2.70
N GLN D 54 24.34 21.59 2.79
CA GLN D 54 23.53 21.01 3.84
C GLN D 54 23.29 19.54 3.56
N SER D 60 12.91 21.56 0.29
CA SER D 60 13.14 21.57 1.75
C SER D 60 13.66 22.89 2.35
N LEU D 61 14.10 23.80 1.46
CA LEU D 61 14.44 25.16 1.85
C LEU D 61 13.66 26.18 0.98
N ARG D 62 13.43 27.37 1.52
CA ARG D 62 12.80 28.47 0.79
C ARG D 62 13.82 29.61 0.67
N PHE D 63 14.01 30.12 -0.54
CA PHE D 63 14.95 31.21 -0.78
C PHE D 63 14.18 32.52 -1.09
N LEU D 64 14.45 33.58 -0.33
CA LEU D 64 13.77 34.87 -0.50
C LEU D 64 14.75 35.96 -0.92
N TYR D 65 14.32 36.78 -1.89
CA TYR D 65 15.08 37.96 -2.31
C TYR D 65 14.14 39.15 -2.24
N ASP D 66 14.53 40.16 -1.46
CA ASP D 66 13.70 41.36 -1.22
C ASP D 66 12.30 40.94 -0.75
N GLY D 67 12.23 39.95 0.15
CA GLY D 67 10.94 39.51 0.71
C GLY D 67 10.04 38.68 -0.20
N ILE D 68 10.52 38.33 -1.40
CA ILE D 68 9.74 37.52 -2.36
C ILE D 68 10.46 36.17 -2.60
N ARG D 69 9.71 35.07 -2.46
CA ARG D 69 10.24 33.72 -2.70
C ARG D 69 10.78 33.62 -4.12
N ILE D 70 12.02 33.11 -4.24
CA ILE D 70 12.67 32.87 -5.53
C ILE D 70 12.15 31.57 -6.14
N GLN D 71 11.88 31.59 -7.45
CA GLN D 71 11.53 30.37 -8.18
C GLN D 71 12.77 29.93 -8.96
N ALA D 72 13.02 28.62 -8.99
CA ALA D 72 14.31 28.08 -9.46
C ALA D 72 14.64 28.46 -10.90
N ASP D 73 13.63 28.70 -11.72
CA ASP D 73 13.86 29.05 -13.15
C ASP D 73 14.25 30.51 -13.34
N GLN D 74 14.11 31.34 -12.30
CA GLN D 74 14.43 32.76 -12.39
C GLN D 74 15.93 33.00 -12.34
N THR D 75 16.38 33.98 -13.13
CA THR D 75 17.80 34.34 -13.17
C THR D 75 18.02 35.63 -12.36
N PRO D 76 19.29 35.93 -12.04
CA PRO D 76 19.57 37.23 -11.42
C PRO D 76 19.08 38.40 -12.28
N GLU D 77 19.30 38.31 -13.58
CA GLU D 77 18.82 39.30 -14.53
C GLU D 77 17.29 39.46 -14.40
N ASP D 78 16.54 38.36 -14.40
CA ASP D 78 15.07 38.41 -14.22
C ASP D 78 14.67 39.23 -13.00
N LEU D 79 15.40 39.07 -11.90
CA LEU D 79 15.03 39.72 -10.65
C LEU D 79 15.77 41.05 -10.39
N ASP D 80 16.49 41.55 -11.40
CA ASP D 80 17.23 42.83 -11.31
C ASP D 80 18.21 42.85 -10.12
N MET D 81 18.87 41.72 -9.88
CA MET D 81 19.81 41.62 -8.78
C MET D 81 21.08 42.36 -9.11
N GLU D 82 21.72 42.87 -8.08
CA GLU D 82 22.99 43.59 -8.21
C GLU D 82 24.10 42.86 -7.45
N ASP D 83 25.34 43.17 -7.81
CA ASP D 83 26.48 42.56 -7.16
C ASP D 83 26.39 42.77 -5.64
N ASN D 84 26.67 41.70 -4.91
CA ASN D 84 26.59 41.64 -3.43
C ASN D 84 25.19 41.70 -2.79
N ASP D 85 24.15 41.52 -3.61
CA ASP D 85 22.80 41.31 -3.07
C ASP D 85 22.73 40.05 -2.22
N ILE D 86 21.73 40.04 -1.33
CA ILE D 86 21.62 38.97 -0.33
C ILE D 86 20.34 38.16 -0.53
N ILE D 87 20.45 36.84 -0.41
CA ILE D 87 19.32 35.93 -0.51
C ILE D 87 19.20 35.24 0.84
N GLU D 88 17.98 35.21 1.38
CA GLU D 88 17.71 34.61 2.67
C GLU D 88 17.16 33.20 2.47
N ALA D 89 17.74 32.25 3.21
CA ALA D 89 17.32 30.84 3.15
C ALA D 89 16.61 30.46 4.44
N HIS D 90 15.40 29.91 4.33
CA HIS D 90 14.56 29.50 5.48
C HIS D 90 14.18 28.06 5.34
N SER D 97 4.82 23.95 9.89
CA SER D 97 5.48 23.42 11.09
C SER D 97 5.29 24.27 12.38
N THR D 98 5.43 23.64 13.55
CA THR D 98 5.16 24.31 14.82
C THR D 98 6.38 24.24 15.71
N VAL D 99 6.96 25.41 16.03
CA VAL D 99 8.12 25.47 16.92
C VAL D 99 7.62 25.84 18.32
N VAL D 100 7.91 24.97 19.26
CA VAL D 100 7.44 25.13 20.64
C VAL D 100 8.57 25.69 21.51
N THR D 101 8.27 26.70 22.33
CA THR D 101 9.22 27.21 23.33
C THR D 101 8.64 26.99 24.71
N THR D 102 9.34 26.23 25.52
CA THR D 102 8.89 25.90 26.86
C THR D 102 9.38 26.93 27.85
N GLU D 103 8.94 26.80 29.10
CA GLU D 103 9.32 27.76 30.16
C GLU D 103 10.80 27.78 30.47
N SER D 104 11.50 26.71 30.16
CA SER D 104 12.92 26.63 30.39
C SER D 104 13.74 27.32 29.31
N GLY D 105 13.10 27.66 28.22
CA GLY D 105 13.77 28.26 27.07
C GLY D 105 14.11 27.24 25.99
N LEU D 106 13.94 25.96 26.27
CA LEU D 106 14.08 24.93 25.25
C LEU D 106 13.11 25.18 24.09
N LYS D 107 13.60 25.01 22.87
CA LYS D 107 12.72 25.02 21.69
C LYS D 107 12.75 23.65 21.05
N TYR D 108 11.59 23.20 20.55
CA TYR D 108 11.58 22.00 19.78
C TYR D 108 10.52 22.02 18.69
N GLU D 109 10.77 21.21 17.67
CA GLU D 109 9.85 21.12 16.55
C GLU D 109 9.80 19.68 16.11
N ASP D 110 8.59 19.13 16.05
CA ASP D 110 8.44 17.77 15.56
C ASP D 110 8.48 17.76 14.04
N LEU D 111 9.55 17.20 13.48
CA LEU D 111 9.68 17.11 12.01
C LEU D 111 8.82 15.95 11.48
N THR D 112 8.80 14.86 12.21
CA THR D 112 7.95 13.74 11.96
C THR D 112 7.38 13.32 13.28
N GLU D 113 6.09 13.09 13.32
CA GLU D 113 5.44 12.64 14.53
C GLU D 113 5.60 11.15 14.57
N GLY D 114 5.93 10.58 15.70
CA GLY D 114 6.10 9.13 15.75
C GLY D 114 4.76 8.42 15.73
N SER D 115 4.76 7.13 15.45
CA SER D 115 3.52 6.35 15.47
C SER D 115 3.58 5.22 16.49
N GLY D 116 4.70 5.10 17.22
CA GLY D 116 4.85 4.05 18.26
C GLY D 116 4.74 4.56 19.68
N ALA D 117 5.37 3.83 20.61
CA ALA D 117 5.26 4.10 22.04
C ALA D 117 5.82 5.46 22.42
N GLU D 118 5.26 6.08 23.47
CA GLU D 118 5.64 7.40 23.91
C GLU D 118 6.74 7.39 24.98
N ALA D 119 7.76 8.21 24.78
CA ALA D 119 8.89 8.30 25.73
C ALA D 119 8.47 9.02 26.99
N ARG D 120 8.67 8.38 28.14
CA ARG D 120 8.33 8.97 29.44
C ARG D 120 9.54 8.96 30.38
N ALA D 121 9.59 9.93 31.29
CA ALA D 121 10.65 10.00 32.30
C ALA D 121 10.77 8.68 33.06
N GLY D 122 12.01 8.22 33.25
CA GLY D 122 12.31 6.96 33.92
C GLY D 122 12.57 5.79 32.98
N GLN D 123 12.13 5.89 31.73
CA GLN D 123 12.37 4.82 30.76
C GLN D 123 13.77 4.91 30.18
N THR D 124 14.35 3.77 29.81
CA THR D 124 15.58 3.75 29.05
C THR D 124 15.19 3.85 27.57
N VAL D 125 15.56 4.95 26.93
CA VAL D 125 15.20 5.14 25.54
C VAL D 125 16.45 4.97 24.67
N SER D 126 16.23 4.62 23.40
CA SER D 126 17.30 4.56 22.40
C SER D 126 16.99 5.50 21.22
N VAL D 127 17.98 6.27 20.79
CA VAL D 127 17.84 7.26 19.73
C VAL D 127 19.01 7.28 18.76
N HIS D 128 18.77 7.80 17.58
CA HIS D 128 19.83 8.34 16.74
C HIS D 128 19.78 9.85 16.81
N TYR D 129 20.93 10.51 16.67
CA TYR D 129 20.95 11.95 16.70
C TYR D 129 22.06 12.50 15.82
N THR D 130 21.85 13.73 15.41
CA THR D 130 22.94 14.56 14.92
C THR D 130 22.92 15.88 15.67
N GLY D 131 24.10 16.40 15.97
CA GLY D 131 24.23 17.68 16.66
C GLY D 131 25.07 18.66 15.87
N TRP D 132 24.59 19.91 15.82
CA TRP D 132 25.26 21.03 15.14
C TRP D 132 25.35 22.24 16.02
N LEU D 133 26.38 23.03 15.77
CA LEU D 133 26.46 24.40 16.31
C LEU D 133 25.58 25.32 15.43
N THR D 134 25.29 26.53 15.93
CA THR D 134 24.38 27.44 15.21
C THR D 134 25.00 27.99 13.92
N ASP D 135 26.30 27.83 13.70
CA ASP D 135 26.92 28.20 12.41
C ASP D 135 26.84 27.07 11.39
N GLY D 136 26.17 25.99 11.77
CA GLY D 136 25.96 24.88 10.85
C GLY D 136 27.01 23.79 10.94
N GLN D 137 28.05 23.97 11.77
CA GLN D 137 29.10 22.95 11.93
C GLN D 137 28.58 21.73 12.71
N LYS D 138 28.64 20.55 12.09
CA LYS D 138 28.27 19.30 12.74
C LYS D 138 29.33 18.99 13.76
N PHE D 139 28.94 18.67 14.98
CA PHE D 139 29.92 18.24 15.99
C PHE D 139 29.85 16.76 16.37
N ASP D 140 28.71 16.11 16.11
CA ASP D 140 28.61 14.67 16.35
C ASP D 140 27.36 14.07 15.73
N SER D 141 27.44 12.77 15.41
CA SER D 141 26.26 12.01 15.03
C SER D 141 26.46 10.53 15.34
N SER D 142 25.44 9.95 15.99
CA SER D 142 25.40 8.51 16.27
C SER D 142 25.40 7.69 14.95
N LYS D 143 24.80 8.26 13.90
CA LYS D 143 24.75 7.60 12.61
C LYS D 143 26.13 7.46 11.97
N ASP D 144 27.07 8.34 12.29
CA ASP D 144 28.43 8.21 11.78
C ASP D 144 29.09 6.90 12.26
N ARG D 145 28.63 6.37 13.38
CA ARG D 145 29.17 5.12 13.94
C ARG D 145 28.15 3.98 13.82
N ASN D 146 27.07 4.21 13.07
CA ASN D 146 25.96 3.26 12.96
C ASN D 146 25.59 2.69 14.32
N ASP D 147 25.47 3.54 15.33
CA ASP D 147 25.34 3.11 16.71
C ASP D 147 24.31 3.94 17.49
N PRO D 148 23.16 3.36 17.75
CA PRO D 148 22.12 4.04 18.52
C PRO D 148 22.66 4.39 19.89
N PHE D 149 22.11 5.45 20.49
CA PHE D 149 22.48 5.91 21.84
C PHE D 149 21.33 5.73 22.83
N ALA D 150 21.59 5.01 23.92
CA ALA D 150 20.61 4.78 24.95
C ALA D 150 20.89 5.58 26.21
N PHE D 151 19.84 6.05 26.87
CA PHE D 151 20.00 6.77 28.15
C PHE D 151 18.71 6.70 28.94
N VAL D 152 18.81 6.91 30.23
CA VAL D 152 17.66 6.90 31.12
C VAL D 152 17.03 8.29 31.10
N LEU D 153 15.86 8.41 30.49
CA LEU D 153 15.21 9.69 30.29
C LEU D 153 14.85 10.30 31.65
N GLY D 154 15.26 11.56 31.84
CA GLY D 154 15.04 12.28 33.09
C GLY D 154 16.09 12.01 34.12
N GLY D 155 17.09 11.19 33.78
CA GLY D 155 18.03 10.65 34.77
C GLY D 155 19.26 11.49 35.05
N GLY D 156 19.37 12.65 34.43
CA GLY D 156 20.55 13.54 34.61
C GLY D 156 21.86 13.02 34.05
N MET D 157 21.82 12.06 33.12
CA MET D 157 23.03 11.57 32.47
C MET D 157 23.35 12.22 31.10
N VAL D 158 22.44 13.07 30.63
CA VAL D 158 22.63 13.86 29.42
C VAL D 158 22.30 15.29 29.75
N ILE D 159 22.56 16.19 28.82
CA ILE D 159 22.29 17.62 29.04
C ILE D 159 20.79 17.84 29.25
N LYS D 160 20.48 18.88 30.02
CA LYS D 160 19.11 19.12 30.49
C LYS D 160 18.12 19.25 29.33
N GLY D 161 18.54 19.87 28.24
CA GLY D 161 17.69 20.01 27.07
C GLY D 161 17.20 18.70 26.49
N TRP D 162 18.02 17.67 26.60
CA TRP D 162 17.64 16.34 26.15
C TRP D 162 16.69 15.66 27.10
N ASP D 163 16.99 15.73 28.39
CA ASP D 163 16.08 15.16 29.39
C ASP D 163 14.67 15.78 29.26
N GLU D 164 14.58 17.08 28.98
CA GLU D 164 13.29 17.73 28.76
C GLU D 164 12.73 17.43 27.36
N GLY D 165 13.59 17.56 26.37
CA GLY D 165 13.17 17.61 24.99
C GLY D 165 12.79 16.27 24.37
N VAL D 166 13.32 15.18 24.88
CA VAL D 166 13.01 13.83 24.31
C VAL D 166 11.70 13.26 24.91
N GLN D 167 11.32 13.72 26.10
CA GLN D 167 10.02 13.38 26.70
C GLN D 167 8.84 13.75 25.79
N GLY D 168 7.95 12.78 25.58
CA GLY D 168 6.78 12.98 24.74
C GLY D 168 6.98 12.61 23.28
N MET D 169 8.21 12.36 22.87
CA MET D 169 8.44 11.79 21.56
C MET D 169 7.78 10.39 21.48
N LYS D 170 7.37 10.01 20.28
CA LYS D 170 6.94 8.64 20.03
C LYS D 170 7.92 7.93 19.12
N VAL D 171 7.99 6.61 19.25
CA VAL D 171 8.90 5.82 18.44
C VAL D 171 8.57 6.04 16.97
N GLY D 172 9.61 6.28 16.17
CA GLY D 172 9.50 6.67 14.77
C GLY D 172 9.55 8.18 14.57
N GLY D 173 9.39 8.93 15.64
CA GLY D 173 9.45 10.42 15.55
C GLY D 173 10.85 11.02 15.43
N VAL D 174 10.91 12.14 14.69
CA VAL D 174 12.10 12.91 14.53
C VAL D 174 11.77 14.32 15.09
N ARG D 175 12.52 14.73 16.11
CA ARG D 175 12.31 16.05 16.76
C ARG D 175 13.58 16.87 16.66
N ARG D 176 13.44 18.15 16.34
CA ARG D 176 14.57 19.06 16.27
C ARG D 176 14.59 19.90 17.55
N LEU D 177 15.67 19.80 18.31
CA LEU D 177 15.84 20.52 19.58
C LEU D 177 16.81 21.69 19.37
N THR D 178 16.41 22.89 19.82
CA THR D 178 17.32 24.05 19.87
C THR D 178 17.51 24.37 21.32
N ILE D 179 18.74 24.11 21.80
CA ILE D 179 19.04 24.06 23.19
C ILE D 179 19.91 25.23 23.58
N PRO D 180 19.37 26.15 24.38
CA PRO D 180 20.26 27.24 24.84
C PRO D 180 21.35 26.72 25.82
N PRO D 181 22.47 27.47 25.98
CA PRO D 181 23.61 26.96 26.70
C PRO D 181 23.32 26.56 28.15
N GLN D 182 22.37 27.19 28.83
CA GLN D 182 22.11 26.79 30.21
C GLN D 182 21.42 25.44 30.29
N LEU D 183 20.91 24.94 29.15
CA LEU D 183 20.39 23.59 29.08
C LEU D 183 21.33 22.63 28.32
N GLY D 184 22.53 23.12 28.02
CA GLY D 184 23.54 22.38 27.32
C GLY D 184 24.80 22.30 28.17
N TYR D 185 25.90 22.85 27.64
CA TYR D 185 27.20 22.77 28.33
C TYR D 185 27.65 24.07 28.97
N GLY D 186 26.75 25.06 29.01
CA GLY D 186 26.98 26.27 29.74
C GLY D 186 28.25 26.99 29.33
N ALA D 187 28.92 27.59 30.30
CA ALA D 187 30.14 28.35 30.01
C ALA D 187 31.37 27.46 29.79
N ARG D 188 31.26 26.16 30.10
CA ARG D 188 32.33 25.18 29.94
C ARG D 188 32.58 24.78 28.50
N GLY D 189 31.50 24.60 27.75
CA GLY D 189 31.58 23.91 26.48
C GLY D 189 31.93 22.43 26.67
N ALA D 190 32.37 21.77 25.60
CA ALA D 190 32.66 20.34 25.68
C ALA D 190 33.54 19.88 24.51
N GLY D 191 34.45 18.99 24.84
CA GLY D 191 35.20 18.17 23.87
C GLY D 191 36.14 18.90 22.93
N GLY D 192 36.51 20.12 23.28
CA GLY D 192 37.33 20.93 22.37
C GLY D 192 36.62 21.33 21.09
N VAL D 193 35.30 21.07 20.99
CA VAL D 193 34.56 21.44 19.77
C VAL D 193 33.29 22.27 20.07
N ILE D 194 32.60 22.01 21.17
CA ILE D 194 31.49 22.89 21.56
C ILE D 194 32.09 24.02 22.41
N PRO D 195 32.04 25.24 21.89
CA PRO D 195 32.53 26.37 22.68
C PRO D 195 31.67 26.75 23.88
N PRO D 196 32.23 27.60 24.76
CA PRO D 196 31.47 28.20 25.83
C PRO D 196 30.26 28.92 25.33
N ASN D 197 29.17 28.80 26.10
CA ASN D 197 27.94 29.53 25.88
C ASN D 197 27.31 29.30 24.48
N ALA D 198 27.45 28.07 23.97
CA ALA D 198 26.93 27.69 22.66
C ALA D 198 25.47 27.22 22.71
N THR D 199 24.66 27.71 21.79
CA THR D 199 23.35 27.13 21.52
C THR D 199 23.53 25.90 20.62
N LEU D 200 22.89 24.79 20.98
CA LEU D 200 23.08 23.54 20.25
C LEU D 200 21.80 23.16 19.49
N VAL D 201 21.93 22.64 18.27
CA VAL D 201 20.79 22.11 17.50
C VAL D 201 20.98 20.62 17.36
N PHE D 202 20.00 19.84 17.78
CA PHE D 202 20.03 18.39 17.55
C PHE D 202 18.77 17.99 16.73
N GLU D 203 18.94 17.02 15.85
CA GLU D 203 17.83 16.27 15.33
C GLU D 203 17.92 14.91 15.96
N VAL D 204 16.86 14.51 16.64
CA VAL D 204 16.79 13.29 17.38
C VAL D 204 15.69 12.38 16.80
N GLU D 205 16.06 11.14 16.47
CA GLU D 205 15.08 10.12 16.07
C GLU D 205 14.91 9.11 17.18
N LEU D 206 13.68 8.94 17.68
CA LEU D 206 13.41 7.95 18.74
C LEU D 206 13.22 6.54 18.13
N LEU D 207 14.07 5.60 18.55
CA LEU D 207 14.13 4.26 17.99
C LEU D 207 13.43 3.24 18.84
N ASP D 208 13.47 3.39 20.16
CA ASP D 208 12.89 2.40 21.06
C ASP D 208 12.74 3.00 22.45
N VAL D 209 11.80 2.47 23.22
CA VAL D 209 11.55 2.94 24.58
C VAL D 209 11.52 1.77 25.57
CA CA E . 14.55 7.21 -7.00
O6 861 F . 4.26 4.20 -14.95
S 861 F . 4.86 3.33 -15.92
O5 861 F . 4.13 3.21 -17.13
C18 861 F . 5.04 1.77 -15.22
C19 861 F . 3.77 1.16 -14.64
C24 861 F . 2.94 0.34 -15.40
C23 861 F . 1.76 -0.18 -14.84
C22 861 F . 1.41 0.12 -13.53
C21 861 F . 2.24 0.91 -12.77
C20 861 F . 3.41 1.43 -13.31
N 861 F . 6.25 3.94 -16.32
C17 861 F . 7.25 4.06 -15.23
C16 861 F . 8.07 5.35 -15.51
C15 861 F . 8.62 5.41 -16.90
C14 861 F . 7.56 5.14 -17.97
C13 861 F . 6.78 3.86 -17.69
C12 861 F . 7.72 2.69 -17.91
O4 861 F . 8.37 2.50 -18.93
O3 861 F . 7.86 1.74 -16.88
C11 861 F . 8.03 0.36 -17.16
C10 861 F . 9.46 -0.12 -17.20
C9 861 F . 9.49 -1.66 -17.39
C3 861 F . 9.04 -2.08 -18.77
C2 861 F . 9.70 -1.59 -19.90
C4 861 F . 7.97 -2.98 -18.92
C5 861 F . 7.57 -3.36 -20.21
O2 861 F . 6.49 -4.24 -20.39
C8 861 F . 5.69 -4.76 -19.32
C6 861 F . 8.23 -2.84 -21.35
O1 861 F . 7.85 -3.21 -22.64
C7 861 F . 6.93 -2.43 -23.43
C1 861 F . 9.30 -1.96 -21.17
O 861 F . 10.00 -1.46 -22.23
C 861 F . 11.42 -1.54 -22.28
CA CA G . -30.10 -12.38 -29.33
C1 PEG H . -22.95 0.02 -17.67
O1 PEG H . -23.91 0.92 -18.24
C2 PEG H . -21.74 0.80 -17.15
O2 PEG H . -21.99 1.37 -15.85
C3 PEG H . -20.85 2.14 -15.37
C4 PEG H . -20.98 2.44 -13.86
O4 PEG H . -19.68 2.57 -13.23
O6 861 I . -22.39 -9.82 -18.88
S 861 I . -21.63 -8.70 -19.38
O5 861 I . -20.45 -8.52 -18.65
C18 861 I . -22.60 -7.34 -19.36
C19 861 I . -23.15 -7.05 -17.96
C24 861 I . -22.43 -6.27 -17.06
C23 861 I . -22.93 -5.98 -15.79
C22 861 I . -24.20 -6.48 -15.42
C21 861 I . -24.93 -7.27 -16.32
C20 861 I . -24.40 -7.53 -17.59
N 861 I . -21.18 -9.05 -20.85
C17 861 I . -22.25 -9.23 -21.83
C16 861 I . -21.78 -10.37 -22.76
C15 861 I . -20.49 -10.01 -23.44
C14 861 I . -19.43 -9.73 -22.37
C13 861 I . -19.86 -8.66 -21.39
C12 861 I . -19.90 -7.34 -22.14
O4 861 I . -18.95 -6.97 -22.80
O3 861 I . -21.05 -6.50 -22.10
C11 861 I . -21.00 -5.15 -22.68
C10 861 I . -22.09 -4.90 -23.75
C9 861 I . -22.37 -6.15 -24.57
C3 861 I . -23.55 -6.09 -25.52
C2 861 I . -24.79 -6.68 -25.14
C4 861 I . -23.39 -5.53 -26.77
C5 861 I . -24.47 -5.52 -27.67
O2 861 I . -24.31 -4.95 -28.92
C8 861 I . -24.79 -3.62 -29.18
C6 861 I . -25.70 -6.08 -27.29
O1 861 I . -26.76 -6.06 -28.15
C7 861 I . -27.76 -5.08 -27.89
C1 861 I . -25.88 -6.68 -26.03
O 861 I . -27.13 -7.23 -25.74
C 861 I . -27.37 -8.02 -24.54
O6 861 J . -7.20 -9.18 13.93
S 861 J . -8.52 -9.64 13.97
O5 861 J . -8.54 -11.07 13.99
C18 861 J . -9.29 -9.07 12.56
C19 861 J . -8.49 -9.33 11.28
C24 861 J . -8.59 -10.56 10.62
C23 861 J . -7.83 -10.78 9.46
C22 861 J . -6.94 -9.80 8.97
C21 861 J . -6.82 -8.59 9.63
C20 861 J . -7.60 -8.35 10.78
N 861 J . -9.25 -9.12 15.26
C17 861 J . -9.36 -7.67 15.41
C16 861 J . -9.19 -7.40 16.89
C15 861 J . -10.28 -8.13 17.67
C14 861 J . -10.16 -9.61 17.44
C13 861 J . -10.26 -9.97 15.97
C12 861 J . -11.71 -9.76 15.55
O4 861 J . -12.67 -10.28 16.12
O3 861 J . -11.95 -8.91 14.43
C11 861 J . -13.27 -8.60 13.98
C10 861 J . -13.28 -7.10 13.61
C9 861 J . -13.59 -6.30 14.85
C3 861 J . -13.74 -4.81 14.66
C2 861 J . -14.92 -4.22 15.10
C4 861 J . -12.70 -4.02 14.13
C5 861 J . -12.86 -2.62 14.00
O2 861 J . -11.86 -1.82 13.48
C8 861 J . -10.51 -2.28 13.34
C6 861 J . -14.08 -2.04 14.45
O1 861 J . -14.24 -0.67 14.32
C7 861 J . -14.39 -0.08 13.02
C1 861 J . -15.11 -2.84 14.99
O 861 J . -16.31 -2.32 15.45
C 861 J . -17.57 -2.79 14.94
O6 861 K . 26.52 15.05 21.30
S 861 K . 26.54 15.39 22.67
O5 861 K . 26.43 16.77 22.85
C18 861 K . 28.03 14.87 23.32
C19 861 K . 29.21 15.45 22.55
C24 861 K . 29.77 16.69 22.89
C23 861 K . 30.87 17.18 22.18
C22 861 K . 31.39 16.48 21.10
C21 861 K . 30.84 15.26 20.75
C20 861 K . 29.76 14.75 21.48
N 861 K . 25.39 14.58 23.34
C17 861 K . 25.54 13.13 23.25
C16 861 K . 24.11 12.60 23.07
C15 861 K . 23.20 13.06 24.22
C14 861 K . 23.23 14.56 24.33
C13 861 K . 24.64 15.10 24.49
C12 861 K . 25.12 14.75 25.87
O4 861 K . 24.48 15.09 26.87
O3 861 K . 26.33 13.98 26.05
C11 861 K . 27.17 14.09 27.21
C10 861 K . 26.84 13.08 28.30
C9 861 K . 27.66 13.27 29.60
C3 861 K . 27.55 14.68 30.19
C2 861 K . 26.44 15.06 30.96
C4 861 K . 28.58 15.59 29.96
C5 861 K . 28.51 16.87 30.49
O2 861 K . 29.52 17.79 30.27
C8 861 K . 30.82 17.41 29.80
C6 861 K . 27.41 17.26 31.24
O1 861 K . 27.37 18.55 31.74
C7 861 K . 26.35 19.49 31.37
C1 861 K . 26.39 16.35 31.48
O 861 K . 25.30 16.74 32.22
C 861 K . 24.57 15.82 33.03
#